data_5A6C
#
_entry.id   5A6C
#
_cell.length_a   169.880
_cell.length_b   169.880
_cell.length_c   169.880
_cell.angle_alpha   90.00
_cell.angle_beta   90.00
_cell.angle_gamma   90.00
#
_symmetry.space_group_name_H-M   'P 21 3'
#
loop_
_entity.id
_entity.type
_entity.pdbx_description
1 polymer 'G-PROTEIN-SIGNALING MODULATOR 2, AFADIN'
2 non-polymer 'SULFATE ION'
#
_entity_poly.entity_id   1
_entity_poly.type   'polypeptide(L)'
_entity_poly.pdbx_seq_one_letter_code
;ASCLELALEGERLCKSGDCRAGVSFFEAAVQVGTEDLKTLSAIYSQLGNAYFYLHDYAKALEYHHHDLTLARTIGDQLGE
AKASGNLGNTLKVLGNFDEAIVCCQRHLDISRELNDKVGEARALYNLGNVYHAKGKSFGCPGPQDVGEFPEEVRDALQAA
VDFYEENLSLVTALGDRAAQGRAFGNLGNTHYLLGNFRDAVIAHEQRLLIAKEFGDKAAERRAYSNLGNAYIFLGEFETA
SEYYKKTLLLARQLKDRAVEAQSCYSLGNTYTLLQDYEKAIDYHLKHLAIAQELNDRIGEGRACWSLGNAYTALGNHDQA
MHFAEKHLEISREVGDQRNASYLKTQVLSPDSLFTAKFVAYNEEEEEEDCSLAG
;
_entity_poly.pdbx_strand_id   A,B
#
# COMPACT_ATOMS: atom_id res chain seq x y z
N ALA A 1 5.79 -45.27 -4.18
CA ALA A 1 4.89 -44.41 -4.94
C ALA A 1 5.61 -43.65 -6.07
N SER A 2 4.86 -42.81 -6.76
CA SER A 2 5.41 -42.06 -7.88
C SER A 2 5.99 -40.75 -7.41
N CYS A 3 6.82 -40.20 -8.27
CA CYS A 3 7.33 -38.84 -8.18
C CYS A 3 6.34 -37.81 -7.64
N LEU A 4 5.13 -37.79 -8.20
CA LEU A 4 4.09 -36.84 -7.78
C LEU A 4 3.72 -37.00 -6.32
N GLU A 5 3.35 -38.22 -5.93
CA GLU A 5 2.86 -38.48 -4.57
C GLU A 5 3.97 -38.24 -3.54
N LEU A 6 5.19 -38.63 -3.90
CA LEU A 6 6.39 -38.28 -3.14
C LEU A 6 6.54 -36.78 -2.89
N ALA A 7 6.58 -35.99 -3.97
CA ALA A 7 6.61 -34.54 -3.83
C ALA A 7 5.48 -34.03 -2.96
N LEU A 8 4.23 -34.46 -3.23
CA LEU A 8 3.09 -33.98 -2.44
C LEU A 8 3.25 -34.29 -0.96
N GLU A 9 3.85 -35.43 -0.67
CA GLU A 9 4.13 -35.77 0.71
C GLU A 9 5.15 -34.79 1.25
N GLY A 10 6.11 -34.40 0.41
CA GLY A 10 7.12 -33.46 0.82
C GLY A 10 6.50 -32.12 1.15
N GLU A 11 5.62 -31.65 0.25
CA GLU A 11 4.88 -30.38 0.38
C GLU A 11 3.99 -30.37 1.63
N ARG A 12 3.23 -31.44 1.83
CA ARG A 12 2.40 -31.55 3.03
C ARG A 12 3.25 -31.55 4.29
N LEU A 13 4.36 -32.26 4.24
CA LEU A 13 5.27 -32.38 5.36
C LEU A 13 5.87 -31.04 5.72
N CYS A 14 6.17 -30.25 4.70
CA CYS A 14 6.85 -28.98 4.89
C CYS A 14 5.85 -27.98 5.46
N LYS A 15 4.63 -27.99 4.90
CA LYS A 15 3.56 -27.11 5.36
C LYS A 15 3.27 -27.25 6.84
N SER A 16 3.61 -28.41 7.40
CA SER A 16 3.25 -28.72 8.78
C SER A 16 4.48 -28.75 9.69
N GLY A 17 5.50 -27.98 9.34
CA GLY A 17 6.60 -27.70 10.24
C GLY A 17 7.71 -28.73 10.35
N ASP A 18 7.59 -29.82 9.61
CA ASP A 18 8.64 -30.84 9.57
C ASP A 18 9.35 -30.83 8.22
N CYS A 19 10.37 -29.99 8.09
CA CYS A 19 11.00 -29.76 6.79
C CYS A 19 12.15 -30.72 6.45
N ARG A 20 12.85 -31.27 7.46
CA ARG A 20 13.93 -32.20 7.13
C ARG A 20 13.32 -33.46 6.50
N ALA A 21 12.13 -33.81 6.98
CA ALA A 21 11.30 -34.83 6.38
C ALA A 21 10.93 -34.53 4.92
N GLY A 22 10.19 -33.43 4.76
CA GLY A 22 9.81 -32.96 3.45
C GLY A 22 10.97 -32.96 2.47
N VAL A 23 12.14 -32.58 2.97
CA VAL A 23 13.35 -32.59 2.18
C VAL A 23 13.68 -34.01 1.76
N SER A 24 13.66 -34.98 2.67
CA SER A 24 14.00 -36.35 2.24
C SER A 24 13.01 -36.88 1.17
N PHE A 25 11.75 -36.47 1.26
CA PHE A 25 10.76 -36.86 0.22
C PHE A 25 10.98 -36.16 -1.12
N PHE A 26 11.18 -34.85 -1.09
CA PHE A 26 11.53 -34.13 -2.31
C PHE A 26 12.75 -34.77 -2.95
N GLU A 27 13.78 -35.03 -2.17
CA GLU A 27 15.00 -35.61 -2.73
C GLU A 27 14.72 -36.98 -3.37
N ALA A 28 13.83 -37.77 -2.76
CA ALA A 28 13.44 -39.04 -3.37
C ALA A 28 12.64 -38.84 -4.68
N ALA A 29 11.71 -37.89 -4.66
CA ALA A 29 10.97 -37.57 -5.87
C ALA A 29 11.91 -37.22 -7.01
N VAL A 30 12.95 -36.44 -6.70
CA VAL A 30 13.92 -36.04 -7.70
C VAL A 30 14.59 -37.28 -8.26
N GLN A 31 14.84 -38.22 -7.37
CA GLN A 31 15.56 -39.42 -7.76
C GLN A 31 14.70 -40.43 -8.58
N VAL A 32 13.38 -40.40 -8.39
CA VAL A 32 12.44 -41.14 -9.23
C VAL A 32 12.40 -40.51 -10.62
N GLY A 33 12.62 -39.19 -10.67
CA GLY A 33 12.52 -38.43 -11.91
C GLY A 33 11.08 -38.23 -12.32
N THR A 34 10.85 -37.31 -13.25
CA THR A 34 9.52 -37.09 -13.85
C THR A 34 9.66 -36.44 -15.23
N GLU A 35 8.61 -36.56 -16.02
CA GLU A 35 8.61 -36.06 -17.38
C GLU A 35 7.72 -34.81 -17.47
N ASP A 36 6.83 -34.64 -16.48
CA ASP A 36 6.09 -33.39 -16.24
C ASP A 36 6.98 -32.29 -15.66
N LEU A 37 7.13 -31.20 -16.38
CA LEU A 37 8.06 -30.14 -15.96
C LEU A 37 7.40 -29.10 -15.04
N LYS A 38 6.08 -29.05 -15.07
CA LYS A 38 5.31 -28.31 -14.07
C LYS A 38 5.74 -28.78 -12.67
N THR A 39 5.63 -30.09 -12.42
CA THR A 39 5.87 -30.60 -11.08
C THR A 39 7.36 -30.69 -10.75
N LEU A 40 8.20 -30.98 -11.74
CA LEU A 40 9.64 -30.98 -11.52
C LEU A 40 10.10 -29.61 -11.07
N SER A 41 9.52 -28.58 -11.69
CA SER A 41 9.84 -27.23 -11.29
C SER A 41 9.41 -27.02 -9.87
N ALA A 42 8.17 -27.41 -9.56
CA ALA A 42 7.67 -27.25 -8.19
C ALA A 42 8.57 -27.95 -7.15
N ILE A 43 9.19 -29.04 -7.56
CA ILE A 43 10.03 -29.81 -6.67
C ILE A 43 11.34 -29.09 -6.42
N TYR A 44 12.06 -28.74 -7.50
CA TYR A 44 13.29 -27.97 -7.35
C TYR A 44 13.04 -26.73 -6.47
N SER A 45 11.97 -26.01 -6.76
CA SER A 45 11.66 -24.81 -6.04
C SER A 45 11.35 -25.04 -4.56
N GLN A 46 10.47 -25.97 -4.27
CA GLN A 46 10.13 -26.19 -2.88
C GLN A 46 11.28 -26.78 -2.07
N LEU A 47 12.07 -27.61 -2.72
CA LEU A 47 13.19 -28.23 -2.07
C LEU A 47 14.22 -27.16 -1.72
N GLY A 48 14.42 -26.20 -2.63
CA GLY A 48 15.25 -25.04 -2.36
C GLY A 48 14.72 -24.17 -1.22
N ASN A 49 13.42 -23.92 -1.21
CA ASN A 49 12.83 -23.16 -0.11
C ASN A 49 13.05 -23.80 1.25
N ALA A 50 12.87 -25.12 1.29
CA ALA A 50 13.10 -25.90 2.50
C ALA A 50 14.56 -25.83 2.95
N TYR A 51 15.47 -26.06 2.01
CA TYR A 51 16.88 -25.98 2.37
C TYR A 51 17.25 -24.58 2.86
N PHE A 52 16.51 -23.57 2.38
CA PHE A 52 16.68 -22.19 2.83
C PHE A 52 16.24 -22.04 4.26
N TYR A 53 14.99 -22.38 4.51
CA TYR A 53 14.44 -22.43 5.86
C TYR A 53 15.36 -23.17 6.84
N LEU A 54 16.04 -24.19 6.37
CA LEU A 54 16.88 -24.99 7.24
C LEU A 54 18.29 -24.40 7.31
N HIS A 55 18.49 -23.28 6.63
CA HIS A 55 19.77 -22.56 6.61
C HIS A 55 20.87 -23.34 5.95
N ASP A 56 20.51 -24.18 4.98
CA ASP A 56 21.48 -24.80 4.10
C ASP A 56 21.49 -24.00 2.80
N TYR A 57 22.14 -22.85 2.83
CA TYR A 57 21.98 -21.88 1.77
C TYR A 57 22.62 -22.34 0.44
N ALA A 58 23.66 -23.14 0.54
CA ALA A 58 24.27 -23.71 -0.63
C ALA A 58 23.34 -24.69 -1.39
N LYS A 59 22.61 -25.53 -0.66
CA LYS A 59 21.70 -26.46 -1.36
C LYS A 59 20.46 -25.74 -1.91
N ALA A 60 20.08 -24.64 -1.27
CA ALA A 60 18.97 -23.83 -1.76
C ALA A 60 19.39 -23.16 -3.05
N LEU A 61 20.61 -22.65 -3.07
CA LEU A 61 21.17 -22.05 -4.27
C LEU A 61 21.21 -23.07 -5.41
N GLU A 62 21.65 -24.29 -5.10
CA GLU A 62 21.64 -25.36 -6.07
C GLU A 62 20.25 -25.65 -6.65
N TYR A 63 19.25 -25.94 -5.80
CA TYR A 63 17.97 -26.27 -6.41
C TYR A 63 17.31 -25.05 -7.08
N HIS A 64 17.50 -23.84 -6.56
CA HIS A 64 16.93 -22.69 -7.24
C HIS A 64 17.61 -22.49 -8.59
N HIS A 65 18.88 -22.84 -8.69
CA HIS A 65 19.52 -22.74 -9.99
C HIS A 65 19.06 -23.85 -10.96
N HIS A 66 18.74 -25.04 -10.43
CA HIS A 66 18.13 -26.07 -11.28
C HIS A 66 16.80 -25.56 -11.84
N ASP A 67 16.02 -24.95 -10.96
CA ASP A 67 14.73 -24.43 -11.32
C ASP A 67 14.87 -23.36 -12.40
N LEU A 68 15.81 -22.44 -12.19
CA LEU A 68 16.09 -21.40 -13.18
C LEU A 68 16.40 -21.99 -14.56
N THR A 69 17.37 -22.91 -14.61
CA THR A 69 17.75 -23.62 -15.84
C THR A 69 16.60 -24.29 -16.56
N LEU A 70 15.85 -25.07 -15.80
CA LEU A 70 14.69 -25.74 -16.28
C LEU A 70 13.76 -24.75 -16.93
N ALA A 71 13.48 -23.65 -16.23
CA ALA A 71 12.56 -22.64 -16.71
C ALA A 71 13.05 -22.08 -18.04
N ARG A 72 14.35 -21.87 -18.13
CA ARG A 72 14.92 -21.29 -19.33
C ARG A 72 14.87 -22.22 -20.54
N THR A 73 15.11 -23.51 -20.35
CA THR A 73 15.04 -24.46 -21.48
C THR A 73 13.66 -24.56 -22.15
N ILE A 74 12.59 -24.34 -21.41
CA ILE A 74 11.25 -24.56 -21.95
C ILE A 74 10.45 -23.27 -22.10
N GLY A 75 11.13 -22.14 -22.07
CA GLY A 75 10.46 -20.86 -22.29
C GLY A 75 9.48 -20.42 -21.20
N ASP A 76 9.55 -21.04 -20.02
CA ASP A 76 8.68 -20.64 -18.91
C ASP A 76 9.16 -19.35 -18.26
N GLN A 77 8.65 -18.22 -18.72
CA GLN A 77 9.15 -16.92 -18.29
C GLN A 77 8.73 -16.62 -16.85
N LEU A 78 7.52 -17.06 -16.50
CA LEU A 78 7.05 -16.97 -15.14
C LEU A 78 7.96 -17.75 -14.21
N GLY A 79 8.29 -18.96 -14.64
CA GLY A 79 9.12 -19.85 -13.85
C GLY A 79 10.48 -19.24 -13.70
N GLU A 80 11.03 -18.74 -14.81
CA GLU A 80 12.29 -18.02 -14.79
C GLU A 80 12.24 -16.92 -13.76
N ALA A 81 11.18 -16.11 -13.75
CA ALA A 81 11.12 -15.00 -12.80
C ALA A 81 11.13 -15.47 -11.33
N LYS A 82 10.31 -16.46 -11.01
CA LYS A 82 10.20 -16.94 -9.62
C LYS A 82 11.51 -17.59 -9.17
N ALA A 83 12.15 -18.32 -10.08
CA ALA A 83 13.44 -18.92 -9.76
C ALA A 83 14.52 -17.85 -9.55
N SER A 84 14.53 -16.85 -10.42
CA SER A 84 15.43 -15.72 -10.28
C SER A 84 15.25 -14.98 -8.95
N GLY A 85 14.00 -14.76 -8.55
CA GLY A 85 13.72 -14.18 -7.25
C GLY A 85 14.25 -14.98 -6.09
N ASN A 86 14.04 -16.30 -6.09
CA ASN A 86 14.59 -17.11 -5.00
C ASN A 86 16.11 -17.17 -4.98
N LEU A 87 16.69 -17.11 -6.17
CA LEU A 87 18.13 -17.08 -6.28
C LEU A 87 18.64 -15.81 -5.68
N GLY A 88 17.93 -14.73 -5.98
CA GLY A 88 18.26 -13.42 -5.45
C GLY A 88 18.25 -13.43 -3.94
N ASN A 89 17.22 -13.98 -3.35
CA ASN A 89 17.16 -13.94 -1.90
C ASN A 89 18.23 -14.78 -1.22
N THR A 90 18.51 -15.93 -1.83
CA THR A 90 19.55 -16.77 -1.30
C THR A 90 20.92 -16.10 -1.44
N LEU A 91 21.13 -15.40 -2.56
CA LEU A 91 22.39 -14.70 -2.79
C LEU A 91 22.60 -13.53 -1.83
N LYS A 92 21.51 -12.86 -1.48
CA LYS A 92 21.55 -11.85 -0.44
C LYS A 92 22.07 -12.43 0.85
N VAL A 93 21.40 -13.49 1.34
CA VAL A 93 21.85 -14.07 2.60
C VAL A 93 23.35 -14.45 2.58
N LEU A 94 23.89 -14.78 1.41
CA LEU A 94 25.29 -15.22 1.33
C LEU A 94 26.25 -14.06 1.05
N GLY A 95 25.75 -12.82 1.05
CA GLY A 95 26.61 -11.71 0.81
C GLY A 95 26.92 -11.31 -0.62
N ASN A 96 26.59 -12.16 -1.59
CA ASN A 96 26.76 -11.82 -3.01
C ASN A 96 25.67 -10.86 -3.48
N PHE A 97 25.86 -9.56 -3.24
CA PHE A 97 24.81 -8.58 -3.47
C PHE A 97 24.65 -8.18 -4.90
N ASP A 98 25.69 -8.38 -5.68
CA ASP A 98 25.70 -8.01 -7.09
C ASP A 98 24.86 -8.95 -7.93
N GLU A 99 25.12 -10.23 -7.80
CA GLU A 99 24.28 -11.23 -8.44
C GLU A 99 22.91 -11.17 -7.86
N ALA A 100 22.79 -10.96 -6.55
CA ALA A 100 21.49 -10.84 -5.91
C ALA A 100 20.64 -9.78 -6.60
N ILE A 101 21.28 -8.68 -6.98
CA ILE A 101 20.58 -7.64 -7.73
C ILE A 101 20.29 -8.03 -9.18
N VAL A 102 21.24 -8.64 -9.87
CA VAL A 102 20.99 -9.17 -11.21
C VAL A 102 19.75 -10.07 -11.26
N CYS A 103 19.66 -10.97 -10.28
CA CYS A 103 18.56 -11.93 -10.14
C CYS A 103 17.23 -11.35 -9.70
N CYS A 104 17.23 -10.44 -8.73
CA CYS A 104 15.98 -9.83 -8.31
C CYS A 104 15.48 -8.83 -9.36
N GLN A 105 16.41 -8.24 -10.09
CA GLN A 105 16.01 -7.39 -11.18
C GLN A 105 15.41 -8.24 -12.26
N ARG A 106 15.99 -9.41 -12.55
CA ARG A 106 15.38 -10.28 -13.54
C ARG A 106 13.94 -10.59 -13.15
N HIS A 107 13.74 -10.96 -11.88
CA HIS A 107 12.40 -11.14 -11.32
C HIS A 107 11.47 -10.01 -11.72
N LEU A 108 11.92 -8.78 -11.44
CA LEU A 108 11.07 -7.61 -11.63
C LEU A 108 10.82 -7.24 -13.10
N ASP A 109 11.87 -7.22 -13.89
CA ASP A 109 11.77 -7.01 -15.34
C ASP A 109 10.79 -7.98 -16.02
N ILE A 110 10.99 -9.28 -15.80
CA ILE A 110 10.10 -10.29 -16.35
C ILE A 110 8.66 -10.14 -15.85
N SER A 111 8.48 -9.93 -14.54
CA SER A 111 7.13 -9.75 -14.02
C SER A 111 6.47 -8.52 -14.62
N ARG A 112 7.26 -7.53 -14.98
CA ARG A 112 6.66 -6.36 -15.61
C ARG A 112 6.25 -6.70 -17.04
N GLU A 113 7.15 -7.31 -17.83
CA GLU A 113 6.80 -7.80 -19.17
C GLU A 113 5.47 -8.60 -19.22
N LEU A 114 5.31 -9.59 -18.34
CA LEU A 114 4.06 -10.39 -18.27
C LEU A 114 2.85 -9.67 -17.67
N ASN A 115 2.99 -8.40 -17.32
CA ASN A 115 1.99 -7.69 -16.53
C ASN A 115 1.50 -8.46 -15.29
N ASP A 116 2.37 -9.29 -14.73
CA ASP A 116 2.18 -9.90 -13.41
C ASP A 116 2.40 -8.87 -12.29
N LYS A 117 1.40 -8.69 -11.42
CA LYS A 117 1.48 -7.68 -10.37
C LYS A 117 1.92 -8.31 -9.05
N VAL A 118 1.61 -9.58 -8.86
CA VAL A 118 1.98 -10.23 -7.61
C VAL A 118 3.49 -10.52 -7.66
N GLY A 119 3.94 -10.94 -8.84
CA GLY A 119 5.36 -11.11 -9.13
C GLY A 119 6.12 -9.82 -8.94
N GLU A 120 5.68 -8.76 -9.59
CA GLU A 120 6.25 -7.42 -9.37
C GLU A 120 6.33 -7.03 -7.89
N ALA A 121 5.27 -7.29 -7.14
CA ALA A 121 5.27 -6.99 -5.72
C ALA A 121 6.42 -7.69 -4.98
N ARG A 122 6.48 -9.01 -5.13
CA ARG A 122 7.53 -9.78 -4.50
C ARG A 122 8.93 -9.27 -4.90
N ALA A 123 9.15 -9.04 -6.20
CA ALA A 123 10.45 -8.59 -6.65
C ALA A 123 10.81 -7.26 -6.00
N LEU A 124 9.85 -6.35 -5.88
CA LEU A 124 10.14 -5.04 -5.26
C LEU A 124 10.55 -5.20 -3.79
N TYR A 125 9.82 -6.02 -3.04
CA TYR A 125 10.26 -6.31 -1.67
C TYR A 125 11.68 -6.92 -1.62
N ASN A 126 11.97 -7.88 -2.50
CA ASN A 126 13.28 -8.50 -2.52
C ASN A 126 14.40 -7.50 -2.76
N LEU A 127 14.23 -6.66 -3.78
CA LEU A 127 15.18 -5.61 -4.02
C LEU A 127 15.39 -4.80 -2.74
N GLY A 128 14.31 -4.21 -2.21
CA GLY A 128 14.38 -3.49 -0.95
C GLY A 128 15.29 -4.17 0.06
N ASN A 129 15.06 -5.46 0.28
CA ASN A 129 15.88 -6.25 1.18
C ASN A 129 17.36 -6.37 0.79
N VAL A 130 17.64 -6.50 -0.49
CA VAL A 130 19.02 -6.56 -0.91
C VAL A 130 19.70 -5.26 -0.52
N TYR A 131 19.05 -4.12 -0.76
CA TYR A 131 19.73 -2.83 -0.52
C TYR A 131 19.81 -2.51 0.96
N HIS A 132 18.80 -2.95 1.69
CA HIS A 132 18.83 -2.84 3.13
C HIS A 132 20.07 -3.64 3.64
N ALA A 133 20.18 -4.90 3.22
CA ALA A 133 21.34 -5.72 3.56
C ALA A 133 22.68 -5.11 3.14
N LYS A 134 22.70 -4.43 2.00
CA LYS A 134 23.94 -3.92 1.42
C LYS A 134 24.45 -2.78 2.29
N GLY A 135 23.59 -1.77 2.42
CA GLY A 135 23.90 -0.63 3.27
C GLY A 135 24.27 -1.04 4.68
N LYS A 136 23.52 -1.98 5.22
CA LYS A 136 23.80 -2.54 6.54
C LYS A 136 25.10 -3.34 6.55
N SER A 137 25.64 -3.67 5.38
CA SER A 137 26.86 -4.47 5.31
C SER A 137 28.10 -3.61 5.29
N PHE A 138 27.98 -2.39 4.77
CA PHE A 138 29.04 -1.33 4.81
C PHE A 138 29.45 -0.56 6.11
N GLY A 139 28.48 -0.06 6.87
CA GLY A 139 28.66 0.67 8.11
C GLY A 139 28.52 -0.12 9.40
N CYS A 140 28.49 0.61 10.52
CA CYS A 140 28.42 0.00 11.85
C CYS A 140 27.11 0.32 12.57
N PRO A 141 26.48 -0.71 13.21
CA PRO A 141 25.17 -0.67 13.86
C PRO A 141 24.83 0.63 14.59
N GLY A 142 23.78 1.29 14.11
CA GLY A 142 23.33 2.55 14.67
C GLY A 142 22.78 3.51 13.62
N PRO A 143 21.75 4.30 13.99
CA PRO A 143 21.24 5.44 13.23
C PRO A 143 22.23 6.60 13.11
N GLN A 144 21.95 7.51 12.17
CA GLN A 144 22.75 8.71 11.97
C GLN A 144 21.97 9.72 11.11
N PHE A 149 27.36 8.73 8.31
CA PHE A 149 26.61 8.42 7.09
C PHE A 149 27.50 8.50 5.84
N PRO A 150 28.28 7.44 5.58
CA PRO A 150 29.03 7.39 4.31
C PRO A 150 28.06 7.44 3.13
N GLU A 151 28.54 7.90 1.98
CA GLU A 151 27.71 8.01 0.79
C GLU A 151 27.01 6.70 0.47
N GLU A 152 27.82 5.65 0.30
CA GLU A 152 27.38 4.29 -0.02
C GLU A 152 26.20 3.82 0.85
N VAL A 153 26.37 3.95 2.16
CA VAL A 153 25.38 3.45 3.08
C VAL A 153 24.04 4.17 2.91
N ARG A 154 24.09 5.48 2.80
CA ARG A 154 22.87 6.27 2.67
C ARG A 154 22.21 5.99 1.31
N ASP A 155 23.01 5.76 0.27
CA ASP A 155 22.42 5.55 -1.05
C ASP A 155 21.74 4.21 -1.16
N ALA A 156 22.35 3.19 -0.55
CA ALA A 156 21.74 1.88 -0.51
C ALA A 156 20.50 1.87 0.37
N LEU A 157 20.57 2.50 1.53
CA LEU A 157 19.40 2.52 2.40
C LEU A 157 18.26 3.30 1.75
N GLN A 158 18.62 4.34 1.00
CA GLN A 158 17.63 5.13 0.29
C GLN A 158 17.00 4.34 -0.87
N ALA A 159 17.83 3.56 -1.56
CA ALA A 159 17.34 2.61 -2.54
C ALA A 159 16.28 1.70 -1.89
N ALA A 160 16.62 1.16 -0.73
CA ALA A 160 15.72 0.28 -0.05
C ALA A 160 14.42 0.99 0.32
N VAL A 161 14.50 2.26 0.71
CA VAL A 161 13.28 2.97 1.05
C VAL A 161 12.36 3.08 -0.16
N ASP A 162 12.95 3.43 -1.30
CA ASP A 162 12.17 3.55 -2.53
C ASP A 162 11.51 2.24 -2.95
N PHE A 163 12.29 1.17 -2.92
CA PHE A 163 11.76 -0.14 -3.27
C PHE A 163 10.64 -0.56 -2.33
N TYR A 164 10.81 -0.38 -1.03
CA TYR A 164 9.77 -0.80 -0.10
C TYR A 164 8.55 0.06 -0.29
N GLU A 165 8.73 1.30 -0.71
CA GLU A 165 7.57 2.18 -0.81
C GLU A 165 6.74 1.85 -2.07
N GLU A 166 7.42 1.55 -3.18
CA GLU A 166 6.77 0.92 -4.34
C GLU A 166 6.02 -0.37 -3.96
N ASN A 167 6.71 -1.29 -3.30
CA ASN A 167 6.07 -2.52 -2.84
C ASN A 167 4.82 -2.25 -2.02
N LEU A 168 4.86 -1.22 -1.19
CA LEU A 168 3.75 -0.96 -0.29
C LEU A 168 2.55 -0.39 -1.03
N SER A 169 2.81 0.46 -2.03
CA SER A 169 1.78 0.87 -2.98
C SER A 169 1.08 -0.34 -3.57
N LEU A 170 1.90 -1.21 -4.18
CA LEU A 170 1.38 -2.34 -4.90
C LEU A 170 0.65 -3.35 -4.04
N VAL A 171 1.10 -3.61 -2.83
CA VAL A 171 0.43 -4.64 -2.04
C VAL A 171 -0.70 -4.04 -1.27
N THR A 172 -0.79 -2.72 -1.29
CA THR A 172 -2.00 -2.12 -0.78
C THR A 172 -3.08 -2.32 -1.85
N ALA A 173 -2.75 -1.95 -3.08
CA ALA A 173 -3.60 -2.21 -4.24
C ALA A 173 -4.10 -3.66 -4.31
N LEU A 174 -3.23 -4.65 -4.13
CA LEU A 174 -3.67 -6.07 -4.07
C LEU A 174 -4.35 -6.51 -2.76
N GLY A 175 -4.52 -5.59 -1.81
CA GLY A 175 -5.19 -5.94 -0.58
C GLY A 175 -4.64 -7.13 0.18
N ASP A 176 -3.35 -7.40 0.01
CA ASP A 176 -2.59 -8.40 0.78
C ASP A 176 -2.03 -7.76 2.04
N ARG A 177 -2.55 -8.10 3.21
CA ARG A 177 -2.24 -7.30 4.39
C ARG A 177 -0.96 -7.71 5.11
N ALA A 178 -0.63 -9.00 5.09
CA ALA A 178 0.58 -9.46 5.74
C ALA A 178 1.83 -8.91 5.04
N ALA A 179 1.77 -8.90 3.72
CA ALA A 179 2.79 -8.28 2.88
C ALA A 179 2.96 -6.83 3.25
N GLN A 180 1.84 -6.17 3.54
CA GLN A 180 1.84 -4.79 3.97
C GLN A 180 2.57 -4.66 5.30
N GLY A 181 2.26 -5.53 6.25
CA GLY A 181 2.93 -5.46 7.53
C GLY A 181 4.42 -5.62 7.43
N ARG A 182 4.85 -6.50 6.53
CA ARG A 182 6.27 -6.75 6.32
C ARG A 182 6.98 -5.54 5.70
N ALA A 183 6.34 -4.95 4.70
CA ALA A 183 6.86 -3.73 4.14
C ALA A 183 6.96 -2.71 5.26
N PHE A 184 5.96 -2.63 6.13
CA PHE A 184 6.01 -1.58 7.16
C PHE A 184 7.19 -1.79 8.09
N GLY A 185 7.43 -3.04 8.48
CA GLY A 185 8.60 -3.35 9.30
C GLY A 185 9.91 -2.91 8.68
N ASN A 186 10.16 -3.39 7.47
CA ASN A 186 11.45 -3.08 6.86
C ASN A 186 11.59 -1.61 6.51
N LEU A 187 10.46 -0.97 6.29
CA LEU A 187 10.45 0.45 5.99
C LEU A 187 10.75 1.22 7.26
N GLY A 188 10.18 0.75 8.36
CA GLY A 188 10.30 1.44 9.62
C GLY A 188 11.74 1.45 10.03
N ASN A 189 12.35 0.28 9.94
CA ASN A 189 13.74 0.15 10.31
C ASN A 189 14.69 0.89 9.39
N THR A 190 14.43 0.84 8.09
CA THR A 190 15.24 1.62 7.16
C THR A 190 15.15 3.13 7.44
N HIS A 191 13.98 3.60 7.82
CA HIS A 191 13.80 4.99 8.25
C HIS A 191 14.66 5.28 9.45
N TYR A 192 14.56 4.40 10.44
CA TYR A 192 15.33 4.55 11.67
C TYR A 192 16.82 4.65 11.38
N LEU A 193 17.35 3.78 10.51
CA LEU A 193 18.77 3.84 10.19
C LEU A 193 19.08 5.15 9.54
N LEU A 194 18.25 5.53 8.58
CA LEU A 194 18.48 6.75 7.82
C LEU A 194 18.33 8.03 8.64
N GLY A 195 17.72 7.89 9.82
CA GLY A 195 17.60 9.02 10.71
C GLY A 195 16.21 9.62 10.83
N ASN A 196 15.20 9.04 10.17
CA ASN A 196 13.86 9.60 10.26
C ASN A 196 13.02 8.81 11.25
N PHE A 197 13.10 9.20 12.51
CA PHE A 197 12.53 8.43 13.61
C PHE A 197 11.03 8.55 13.70
N ARG A 198 10.49 9.61 13.13
CA ARG A 198 9.06 9.81 13.15
C ARG A 198 8.41 8.89 12.11
N ASP A 199 8.93 8.93 10.88
CA ASP A 199 8.58 7.97 9.84
C ASP A 199 8.67 6.52 10.32
N ALA A 200 9.69 6.28 11.14
CA ALA A 200 9.92 5.00 11.77
C ALA A 200 8.77 4.67 12.71
N VAL A 201 8.34 5.64 13.52
CA VAL A 201 7.27 5.35 14.47
C VAL A 201 5.96 5.05 13.74
N ILE A 202 5.69 5.84 12.70
CA ILE A 202 4.51 5.67 11.86
C ILE A 202 4.45 4.26 11.24
N ALA A 203 5.53 3.92 10.55
CA ALA A 203 5.65 2.60 9.95
C ALA A 203 5.53 1.44 10.98
N HIS A 204 6.20 1.56 12.12
CA HIS A 204 6.20 0.42 13.02
C HIS A 204 4.86 0.30 13.69
N GLU A 205 4.16 1.42 13.80
CA GLU A 205 2.79 1.40 14.33
C GLU A 205 1.88 0.59 13.40
N GLN A 206 1.89 0.92 12.11
CA GLN A 206 1.13 0.08 11.16
C GLN A 206 1.53 -1.40 11.25
N ARG A 207 2.82 -1.67 11.41
CA ARG A 207 3.30 -3.04 11.56
C ARG A 207 2.66 -3.71 12.78
N LEU A 208 2.51 -2.96 13.85
CA LEU A 208 1.97 -3.52 15.08
C LEU A 208 0.53 -3.86 14.86
N LEU A 209 -0.12 -2.97 14.14
CA LEU A 209 -1.52 -3.12 13.87
C LEU A 209 -1.75 -4.41 13.07
N ILE A 210 -1.05 -4.51 11.94
CA ILE A 210 -1.20 -5.67 11.08
C ILE A 210 -0.72 -6.94 11.75
N ALA A 211 0.23 -6.83 12.69
CA ALA A 211 0.70 -7.99 13.42
C ALA A 211 -0.43 -8.54 14.24
N LYS A 212 -1.05 -7.65 15.03
CA LYS A 212 -2.12 -8.05 15.94
C LYS A 212 -3.32 -8.59 15.16
N GLU A 213 -3.58 -7.98 14.01
CA GLU A 213 -4.61 -8.46 13.08
C GLU A 213 -4.46 -9.93 12.69
N PHE A 214 -3.24 -10.34 12.37
CA PHE A 214 -2.96 -11.74 12.02
C PHE A 214 -2.62 -12.63 13.22
N GLY A 215 -2.64 -12.08 14.43
CA GLY A 215 -2.20 -12.85 15.58
C GLY A 215 -0.76 -13.36 15.49
N ASP A 216 0.14 -12.48 15.06
CA ASP A 216 1.57 -12.80 14.88
C ASP A 216 2.37 -12.27 16.08
N LYS A 217 2.56 -13.12 17.09
CA LYS A 217 3.24 -12.74 18.32
C LYS A 217 4.68 -12.24 18.10
N ALA A 218 5.39 -12.93 17.21
CA ALA A 218 6.75 -12.52 16.85
C ALA A 218 6.78 -11.10 16.30
N ALA A 219 5.99 -10.84 15.27
CA ALA A 219 5.93 -9.54 14.62
C ALA A 219 5.54 -8.46 15.60
N GLU A 220 4.68 -8.83 16.53
CA GLU A 220 4.23 -7.93 17.57
C GLU A 220 5.45 -7.51 18.36
N ARG A 221 6.20 -8.49 18.83
CA ARG A 221 7.39 -8.23 19.63
C ARG A 221 8.44 -7.37 18.86
N ARG A 222 8.55 -7.62 17.57
CA ARG A 222 9.42 -6.81 16.75
C ARG A 222 8.97 -5.35 16.79
N ALA A 223 7.72 -5.10 16.40
CA ALA A 223 7.16 -3.74 16.44
C ALA A 223 7.40 -3.06 17.79
N TYR A 224 7.21 -3.80 18.89
CA TYR A 224 7.43 -3.20 20.20
C TYR A 224 8.87 -2.73 20.31
N SER A 225 9.82 -3.61 20.02
CA SER A 225 11.23 -3.25 20.17
C SER A 225 11.69 -2.11 19.25
N ASN A 226 11.28 -2.13 17.99
CA ASN A 226 11.62 -1.05 17.07
C ASN A 226 10.97 0.30 17.42
N LEU A 227 9.76 0.23 17.98
CA LEU A 227 9.11 1.42 18.54
C LEU A 227 9.93 1.97 19.71
N GLY A 228 10.25 1.11 20.67
CA GLY A 228 11.23 1.42 21.69
C GLY A 228 12.44 2.19 21.15
N ASN A 229 13.16 1.60 20.20
CA ASN A 229 14.33 2.22 19.63
C ASN A 229 14.07 3.64 19.08
N ALA A 230 13.06 3.78 18.23
CA ALA A 230 12.79 5.09 17.62
C ALA A 230 12.39 6.13 18.66
N TYR A 231 11.72 5.70 19.73
CA TYR A 231 11.42 6.65 20.81
C TYR A 231 12.66 7.03 21.61
N ILE A 232 13.56 6.08 21.86
CA ILE A 232 14.84 6.47 22.44
C ILE A 232 15.45 7.59 21.60
N PHE A 233 15.53 7.40 20.29
CA PHE A 233 16.20 8.43 19.50
C PHE A 233 15.40 9.72 19.39
N LEU A 234 14.11 9.67 19.72
CA LEU A 234 13.34 10.91 19.83
C LEU A 234 13.51 11.57 21.18
N GLY A 235 14.21 10.93 22.09
CA GLY A 235 14.38 11.47 23.42
C GLY A 235 13.25 11.07 24.35
N GLU A 236 12.20 10.49 23.79
CA GLU A 236 11.09 10.07 24.61
C GLU A 236 11.37 8.72 25.30
N PHE A 237 12.21 8.80 26.34
CA PHE A 237 12.71 7.63 27.05
C PHE A 237 11.67 6.81 27.82
N GLU A 238 10.69 7.47 28.41
CA GLU A 238 9.75 6.77 29.26
C GLU A 238 8.83 5.86 28.42
N THR A 239 8.32 6.42 27.34
CA THR A 239 7.45 5.66 26.47
C THR A 239 8.28 4.52 25.84
N ALA A 240 9.56 4.81 25.59
CA ALA A 240 10.51 3.78 25.19
C ALA A 240 10.54 2.60 26.19
N SER A 241 10.62 2.90 27.47
CA SER A 241 10.60 1.84 28.48
C SER A 241 9.27 1.10 28.47
N GLU A 242 8.18 1.80 28.14
CA GLU A 242 6.89 1.10 28.05
C GLU A 242 6.94 0.00 26.97
N TYR A 243 7.23 0.41 25.74
CA TYR A 243 7.39 -0.55 24.64
C TYR A 243 8.41 -1.68 24.92
N TYR A 244 9.58 -1.31 25.46
CA TYR A 244 10.56 -2.32 25.77
C TYR A 244 9.97 -3.32 26.76
N LYS A 245 9.18 -2.83 27.71
CA LYS A 245 8.61 -3.74 28.70
C LYS A 245 7.57 -4.65 28.05
N LYS A 246 6.92 -4.17 26.99
CA LYS A 246 5.99 -5.05 26.28
C LYS A 246 6.76 -6.18 25.56
N THR A 247 7.93 -5.88 24.96
CA THR A 247 8.73 -7.01 24.43
C THR A 247 9.17 -7.93 25.53
N LEU A 248 9.74 -7.38 26.60
CA LEU A 248 10.19 -8.21 27.71
C LEU A 248 9.09 -9.18 28.13
N LEU A 249 7.86 -8.65 28.22
CA LEU A 249 6.72 -9.45 28.63
C LEU A 249 6.49 -10.57 27.64
N LEU A 250 6.32 -10.21 26.36
CA LEU A 250 5.98 -11.18 25.33
C LEU A 250 7.07 -12.25 25.17
N ALA A 251 8.33 -11.83 25.23
CA ALA A 251 9.46 -12.73 25.11
C ALA A 251 9.56 -13.66 26.29
N ARG A 252 9.13 -13.23 27.47
CA ARG A 252 9.12 -14.17 28.58
C ARG A 252 7.94 -15.16 28.42
N GLN A 253 6.83 -14.72 27.83
CA GLN A 253 5.72 -15.66 27.61
C GLN A 253 6.05 -16.64 26.48
N LEU A 254 6.80 -16.18 25.49
CA LEU A 254 7.17 -17.02 24.35
C LEU A 254 8.41 -17.87 24.65
N LYS A 255 8.89 -17.79 25.89
CA LYS A 255 10.15 -18.41 26.30
C LYS A 255 11.28 -18.21 25.27
N ASP A 256 11.54 -16.94 24.95
CA ASP A 256 12.63 -16.50 24.07
C ASP A 256 13.76 -15.87 24.89
N ARG A 257 14.74 -16.67 25.29
CA ARG A 257 15.79 -16.18 26.18
C ARG A 257 16.56 -14.98 25.61
N ALA A 258 17.08 -15.17 24.40
CA ALA A 258 17.84 -14.12 23.71
C ALA A 258 17.09 -12.77 23.65
N VAL A 259 15.86 -12.78 23.16
CA VAL A 259 15.06 -11.56 23.08
C VAL A 259 14.79 -10.97 24.47
N GLU A 260 14.68 -11.82 25.48
CA GLU A 260 14.51 -11.38 26.86
C GLU A 260 15.73 -10.58 27.28
N ALA A 261 16.90 -11.17 27.08
CA ALA A 261 18.18 -10.53 27.35
C ALA A 261 18.36 -9.20 26.61
N GLN A 262 18.05 -9.18 25.33
CA GLN A 262 18.13 -7.95 24.55
C GLN A 262 17.16 -6.88 25.08
N SER A 263 15.95 -7.29 25.48
CA SER A 263 15.00 -6.37 26.13
C SER A 263 15.59 -5.77 27.41
N CYS A 264 16.26 -6.60 28.19
CA CYS A 264 16.79 -6.14 29.48
C CYS A 264 17.96 -5.21 29.26
N TYR A 265 18.77 -5.48 28.23
CA TYR A 265 19.87 -4.60 27.89
C TYR A 265 19.33 -3.23 27.41
N SER A 266 18.41 -3.26 26.46
CA SER A 266 17.79 -2.03 26.03
C SER A 266 17.14 -1.26 27.19
N LEU A 267 16.61 -1.98 28.18
CA LEU A 267 15.93 -1.29 29.27
C LEU A 267 16.96 -0.67 30.21
N GLY A 268 18.02 -1.42 30.52
CA GLY A 268 19.13 -0.89 31.31
C GLY A 268 19.69 0.38 30.71
N ASN A 269 19.80 0.38 29.40
CA ASN A 269 20.15 1.59 28.68
C ASN A 269 19.12 2.73 28.87
N THR A 270 17.85 2.37 28.79
CA THR A 270 16.80 3.38 28.87
C THR A 270 16.78 4.03 30.25
N TYR A 271 17.02 3.24 31.28
CA TYR A 271 17.03 3.78 32.63
C TYR A 271 18.32 4.49 32.92
N THR A 272 19.41 4.12 32.24
CA THR A 272 20.61 4.95 32.31
C THR A 272 20.24 6.34 31.82
N LEU A 273 19.54 6.41 30.70
CA LEU A 273 19.13 7.69 30.14
C LEU A 273 18.14 8.45 31.01
N LEU A 274 17.35 7.75 31.82
CA LEU A 274 16.45 8.40 32.76
C LEU A 274 17.10 8.69 34.11
N GLN A 275 18.38 8.33 34.21
CA GLN A 275 19.18 8.56 35.42
C GLN A 275 18.64 7.82 36.65
N ASP A 276 17.94 6.72 36.40
CA ASP A 276 17.62 5.74 37.43
C ASP A 276 18.64 4.61 37.29
N TYR A 277 19.83 4.82 37.86
CA TYR A 277 20.94 3.89 37.66
C TYR A 277 20.74 2.52 38.35
N GLU A 278 19.90 2.51 39.37
CA GLU A 278 19.64 1.30 40.14
C GLU A 278 18.86 0.29 39.31
N LYS A 279 17.72 0.72 38.75
CA LYS A 279 16.99 -0.11 37.77
C LYS A 279 17.94 -0.55 36.64
N ALA A 280 18.70 0.41 36.10
CA ALA A 280 19.64 0.15 35.02
C ALA A 280 20.51 -1.06 35.32
N ILE A 281 20.98 -1.11 36.56
CA ILE A 281 21.83 -2.22 36.95
C ILE A 281 21.02 -3.51 37.08
N ASP A 282 19.82 -3.43 37.63
CA ASP A 282 18.99 -4.64 37.71
C ASP A 282 18.87 -5.28 36.34
N TYR A 283 18.45 -4.46 35.38
CA TYR A 283 18.29 -4.90 34.01
C TYR A 283 19.59 -5.43 33.39
N HIS A 284 20.70 -4.73 33.62
CA HIS A 284 21.94 -5.17 32.99
C HIS A 284 22.39 -6.50 33.58
N LEU A 285 22.15 -6.69 34.86
CA LEU A 285 22.48 -7.96 35.49
C LEU A 285 21.59 -9.11 34.99
N LYS A 286 20.29 -8.87 34.79
CA LYS A 286 19.45 -9.88 34.10
C LYS A 286 20.06 -10.26 32.75
N HIS A 287 20.44 -9.24 31.97
CA HIS A 287 21.02 -9.48 30.65
C HIS A 287 22.37 -10.19 30.71
N LEU A 288 23.17 -9.86 31.71
CA LEU A 288 24.46 -10.47 31.86
C LEU A 288 24.26 -11.95 32.14
N ALA A 289 23.27 -12.22 32.99
CA ALA A 289 22.94 -13.59 33.37
C ALA A 289 22.58 -14.40 32.12
N ILE A 290 21.64 -13.88 31.34
CA ILE A 290 21.22 -14.63 30.17
C ILE A 290 22.33 -14.73 29.12
N ALA A 291 23.19 -13.72 29.07
CA ALA A 291 24.30 -13.71 28.12
C ALA A 291 25.34 -14.76 28.46
N GLN A 292 25.59 -15.03 29.73
CA GLN A 292 26.49 -16.15 30.04
C GLN A 292 25.77 -17.47 29.87
N GLU A 293 24.47 -17.46 30.16
CA GLU A 293 23.66 -18.65 29.90
C GLU A 293 23.79 -19.11 28.44
N LEU A 294 23.62 -18.19 27.50
CA LEU A 294 23.66 -18.54 26.06
C LEU A 294 25.06 -18.51 25.45
N ASN A 295 26.08 -18.39 26.29
CA ASN A 295 27.47 -18.36 25.82
C ASN A 295 27.75 -17.23 24.83
N ASP A 296 27.30 -16.03 25.17
CA ASP A 296 27.54 -14.86 24.33
C ASP A 296 28.60 -13.97 24.96
N ARG A 297 29.87 -14.24 24.64
CA ARG A 297 30.99 -13.48 25.20
C ARG A 297 30.95 -12.00 24.83
N ILE A 298 30.67 -11.69 23.57
CA ILE A 298 30.48 -10.29 23.16
C ILE A 298 29.43 -9.63 24.03
N GLY A 299 28.28 -10.30 24.12
CA GLY A 299 27.15 -9.83 24.91
C GLY A 299 27.57 -9.60 26.33
N GLU A 300 28.42 -10.51 26.82
CA GLU A 300 28.94 -10.42 28.17
C GLU A 300 29.83 -9.20 28.33
N GLY A 301 30.61 -8.88 27.30
CA GLY A 301 31.54 -7.75 27.32
C GLY A 301 30.79 -6.44 27.33
N ARG A 302 29.75 -6.35 26.52
CA ARG A 302 28.94 -5.14 26.50
C ARG A 302 28.24 -5.01 27.85
N ALA A 303 27.90 -6.15 28.46
CA ALA A 303 27.21 -6.16 29.74
C ALA A 303 28.10 -5.58 30.82
N CYS A 304 29.34 -6.05 30.85
CA CYS A 304 30.34 -5.53 31.76
C CYS A 304 30.60 -4.04 31.56
N TRP A 305 30.70 -3.62 30.31
CA TRP A 305 30.91 -2.20 30.01
C TRP A 305 29.78 -1.33 30.59
N SER A 306 28.55 -1.73 30.30
CA SER A 306 27.37 -1.01 30.77
C SER A 306 27.31 -0.98 32.30
N LEU A 307 27.65 -2.13 32.88
CA LEU A 307 27.56 -2.30 34.32
C LEU A 307 28.58 -1.43 35.02
N GLY A 308 29.80 -1.44 34.51
CA GLY A 308 30.85 -0.61 35.05
C GLY A 308 30.41 0.83 35.03
N ASN A 309 29.85 1.27 33.90
CA ASN A 309 29.54 2.68 33.78
C ASN A 309 28.41 3.08 34.72
N ALA A 310 27.46 2.15 34.90
CA ALA A 310 26.35 2.34 35.83
C ALA A 310 26.77 2.36 37.31
N TYR A 311 27.70 1.49 37.68
CA TYR A 311 28.22 1.45 39.05
C TYR A 311 29.03 2.69 39.33
N THR A 312 29.78 3.12 38.32
CA THR A 312 30.47 4.41 38.36
C THR A 312 29.48 5.52 38.64
N ALA A 313 28.39 5.51 37.89
CA ALA A 313 27.34 6.50 38.05
C ALA A 313 26.84 6.53 39.48
N LEU A 314 26.74 5.36 40.09
CA LEU A 314 26.21 5.30 41.44
C LEU A 314 27.23 5.78 42.48
N GLY A 315 28.49 5.36 42.33
CA GLY A 315 29.54 5.78 43.22
C GLY A 315 30.38 4.62 43.72
N ASN A 316 30.07 3.43 43.21
CA ASN A 316 30.72 2.22 43.67
C ASN A 316 32.08 2.01 42.99
N HIS A 317 33.13 2.58 43.55
CA HIS A 317 34.44 2.49 42.95
C HIS A 317 34.83 1.03 42.73
N ASP A 318 34.62 0.22 43.76
CA ASP A 318 34.89 -1.21 43.76
C ASP A 318 34.25 -1.94 42.58
N GLN A 319 32.92 -1.96 42.58
CA GLN A 319 32.15 -2.63 41.53
C GLN A 319 32.42 -2.06 40.13
N ALA A 320 32.53 -0.73 40.05
CA ALA A 320 33.01 -0.06 38.83
C ALA A 320 34.28 -0.72 38.27
N MET A 321 35.39 -0.60 39.02
CA MET A 321 36.68 -1.15 38.59
C MET A 321 36.60 -2.64 38.27
N HIS A 322 35.82 -3.36 39.08
CA HIS A 322 35.57 -4.78 38.85
C HIS A 322 35.11 -5.01 37.42
N PHE A 323 33.93 -4.47 37.10
CA PHE A 323 33.33 -4.72 35.80
C PHE A 323 34.12 -4.14 34.64
N ALA A 324 34.78 -3.00 34.88
CA ALA A 324 35.69 -2.47 33.89
C ALA A 324 36.75 -3.50 33.55
N GLU A 325 37.37 -4.07 34.57
CA GLU A 325 38.39 -5.10 34.34
C GLU A 325 37.85 -6.30 33.56
N LYS A 326 36.66 -6.75 33.94
CA LYS A 326 36.06 -7.90 33.26
C LYS A 326 35.82 -7.57 31.77
N HIS A 327 35.40 -6.33 31.50
CA HIS A 327 35.32 -5.85 30.13
C HIS A 327 36.67 -6.00 29.41
N LEU A 328 37.75 -5.46 29.98
CA LEU A 328 39.07 -5.60 29.35
C LEU A 328 39.41 -7.06 29.04
N GLU A 329 39.30 -7.93 30.05
CA GLU A 329 39.54 -9.34 29.84
C GLU A 329 38.80 -9.88 28.62
N ILE A 330 37.47 -9.79 28.64
CA ILE A 330 36.65 -10.38 27.57
C ILE A 330 37.01 -9.77 26.22
N SER A 331 37.29 -8.47 26.23
CA SER A 331 37.78 -7.79 25.04
C SER A 331 39.01 -8.51 24.46
N ARG A 332 40.07 -8.62 25.27
CA ARG A 332 41.27 -9.37 24.89
C ARG A 332 40.92 -10.72 24.30
N GLU A 333 39.93 -11.38 24.91
CA GLU A 333 39.51 -12.68 24.43
C GLU A 333 38.95 -12.60 23.00
N VAL A 334 38.19 -11.55 22.72
CA VAL A 334 37.51 -11.42 21.42
C VAL A 334 38.40 -10.89 20.28
N GLY A 335 39.48 -10.17 20.61
CA GLY A 335 40.38 -9.66 19.58
C GLY A 335 41.75 -9.21 20.07
N ASP A 336 42.61 -8.79 19.13
CA ASP A 336 43.90 -8.19 19.50
C ASP A 336 43.66 -6.81 20.08
N GLN A 337 44.19 -6.56 21.27
CA GLN A 337 43.89 -5.30 21.95
C GLN A 337 45.15 -4.51 22.23
N ARG A 338 46.10 -4.57 21.31
CA ARG A 338 47.36 -3.82 21.44
C ARG A 338 47.20 -2.43 20.83
N ASN A 339 46.05 -2.18 20.23
CA ASN A 339 45.66 -0.86 19.76
C ASN A 339 44.64 -0.27 20.74
N ALA A 340 44.45 -0.99 21.84
CA ALA A 340 43.48 -0.63 22.87
C ALA A 340 42.07 -0.37 22.34
N SER A 341 41.64 -1.12 21.33
CA SER A 341 40.40 -0.77 20.65
C SER A 341 39.21 -1.01 21.57
N TYR A 342 39.47 -1.72 22.65
CA TYR A 342 38.45 -2.06 23.61
C TYR A 342 37.98 -0.84 24.39
N LEU A 343 38.93 0.07 24.64
CA LEU A 343 38.74 1.19 25.56
C LEU A 343 37.73 2.18 25.06
N LYS A 344 36.67 2.37 25.82
CA LYS A 344 35.54 3.16 25.37
C LYS A 344 35.00 4.08 26.47
N THR A 345 35.66 5.22 26.67
CA THR A 345 35.45 6.08 27.83
C THR A 345 34.18 6.93 27.83
N GLN A 346 33.65 7.24 26.67
CA GLN A 346 32.42 8.03 26.59
C GLN A 346 31.17 7.19 26.92
N VAL A 347 30.33 7.74 27.78
CA VAL A 347 29.23 7.01 28.42
C VAL A 347 27.87 7.26 27.80
N LEU A 348 26.98 6.28 27.91
CA LEU A 348 25.58 6.49 27.55
C LEU A 348 25.03 7.76 28.19
N SER A 349 24.46 8.60 27.33
CA SER A 349 23.82 9.83 27.74
C SER A 349 22.97 10.28 26.56
N PRO A 350 22.07 11.25 26.79
CA PRO A 350 21.16 11.66 25.71
C PRO A 350 21.84 12.27 24.48
N ASP A 351 23.10 12.66 24.60
CA ASP A 351 23.86 13.25 23.49
C ASP A 351 24.85 12.26 22.86
N SER A 352 24.78 10.99 23.25
CA SER A 352 25.62 9.98 22.61
C SER A 352 24.78 8.95 21.85
N LEU A 353 24.28 7.98 22.59
CA LEU A 353 23.41 6.96 22.03
C LEU A 353 24.29 6.02 21.23
N PHE A 354 25.07 6.61 20.33
CA PHE A 354 25.93 5.81 19.46
C PHE A 354 26.87 4.94 20.29
N THR A 355 26.96 5.23 21.59
CA THR A 355 27.83 4.50 22.52
C THR A 355 27.25 3.14 22.94
N ALA A 356 25.96 2.96 22.70
CA ALA A 356 25.28 1.76 23.21
C ALA A 356 24.50 1.09 22.11
N LYS A 357 24.31 -0.22 22.22
CA LYS A 357 23.57 -0.92 21.18
C LYS A 357 22.11 -0.99 21.57
N PHE A 358 21.28 -0.57 20.63
CA PHE A 358 19.86 -0.76 20.74
C PHE A 358 19.46 -1.68 19.62
N VAL A 359 19.40 -2.96 19.93
CA VAL A 359 19.09 -4.01 18.96
C VAL A 359 17.82 -3.72 18.15
N ALA A 360 17.97 -3.63 16.83
CA ALA A 360 16.83 -3.54 15.93
C ALA A 360 16.41 -4.95 15.49
N TYR A 361 15.25 -5.07 14.85
CA TYR A 361 14.71 -6.38 14.44
C TYR A 361 13.99 -6.29 13.11
N ASN A 362 14.48 -7.02 12.11
CA ASN A 362 13.99 -6.91 10.75
C ASN A 362 12.92 -7.97 10.45
N GLU A 363 12.27 -7.85 9.30
CA GLU A 363 11.23 -8.81 8.95
C GLU A 363 11.85 -10.15 8.56
N GLU A 364 13.14 -10.12 8.26
CA GLU A 364 13.89 -11.30 7.91
C GLU A 364 14.80 -11.76 9.05
N GLU A 365 14.36 -11.60 10.30
CA GLU A 365 15.25 -11.82 11.43
C GLU A 365 15.66 -13.28 11.62
N GLU A 366 14.87 -14.21 11.08
CA GLU A 366 15.14 -15.65 11.26
C GLU A 366 16.26 -16.16 10.34
N GLU A 367 16.66 -15.36 9.37
CA GLU A 367 17.78 -15.67 8.49
C GLU A 367 19.11 -15.42 9.22
N ALA B 1 -9.97 -25.45 6.96
CA ALA B 1 -9.53 -26.79 6.54
C ALA B 1 -9.32 -26.88 5.01
N SER B 2 -10.29 -27.46 4.32
CA SER B 2 -10.35 -27.38 2.88
C SER B 2 -10.97 -26.02 2.60
N CYS B 3 -11.74 -25.52 3.57
CA CYS B 3 -12.32 -24.20 3.48
C CYS B 3 -11.23 -23.15 3.28
N LEU B 4 -10.21 -23.23 4.11
CA LEU B 4 -9.03 -22.41 3.98
C LEU B 4 -8.32 -22.57 2.65
N GLU B 5 -8.07 -23.82 2.24
CA GLU B 5 -7.33 -24.07 1.00
C GLU B 5 -8.07 -23.43 -0.19
N LEU B 6 -9.37 -23.69 -0.24
CA LEU B 6 -10.28 -23.13 -1.23
C LEU B 6 -10.24 -21.61 -1.23
N ALA B 7 -10.46 -21.02 -0.06
CA ALA B 7 -10.34 -19.58 0.09
C ALA B 7 -9.00 -19.03 -0.42
N LEU B 8 -7.93 -19.79 -0.20
CA LEU B 8 -6.61 -19.29 -0.62
C LEU B 8 -6.51 -19.32 -2.13
N GLU B 9 -7.05 -20.37 -2.75
CA GLU B 9 -7.11 -20.36 -4.21
C GLU B 9 -7.90 -19.17 -4.72
N GLY B 10 -9.07 -18.91 -4.13
CA GLY B 10 -9.84 -17.74 -4.48
C GLY B 10 -9.09 -16.43 -4.38
N GLU B 11 -8.39 -16.24 -3.27
CA GLU B 11 -7.64 -15.02 -3.03
C GLU B 11 -6.51 -14.88 -4.05
N ARG B 12 -5.92 -16.01 -4.40
CA ARG B 12 -4.91 -16.03 -5.41
C ARG B 12 -5.48 -15.57 -6.74
N LEU B 13 -6.60 -16.15 -7.14
CA LEU B 13 -7.22 -15.84 -8.41
C LEU B 13 -7.65 -14.39 -8.52
N CYS B 14 -8.30 -13.88 -7.47
CA CYS B 14 -8.69 -12.47 -7.48
C CYS B 14 -7.47 -11.59 -7.62
N LYS B 15 -6.47 -11.82 -6.77
CA LYS B 15 -5.25 -11.07 -6.81
C LYS B 15 -4.70 -11.02 -8.24
N SER B 16 -4.87 -12.10 -8.99
CA SER B 16 -4.25 -12.23 -10.30
C SER B 16 -5.14 -11.80 -11.44
N GLY B 17 -6.18 -11.04 -11.12
CA GLY B 17 -7.04 -10.49 -12.15
C GLY B 17 -8.09 -11.45 -12.70
N ASP B 18 -8.43 -12.45 -11.92
CA ASP B 18 -9.52 -13.34 -12.28
C ASP B 18 -10.53 -13.38 -11.14
N CYS B 19 -11.40 -12.37 -11.08
CA CYS B 19 -12.38 -12.28 -9.99
C CYS B 19 -13.46 -13.35 -10.02
N ARG B 20 -14.03 -13.62 -11.18
CA ARG B 20 -15.11 -14.60 -11.28
C ARG B 20 -14.65 -15.97 -10.77
N ALA B 21 -13.43 -16.37 -11.13
CA ALA B 21 -12.87 -17.64 -10.65
C ALA B 21 -12.77 -17.62 -9.15
N GLY B 22 -12.02 -16.66 -8.66
CA GLY B 22 -11.83 -16.50 -7.23
C GLY B 22 -13.12 -16.55 -6.47
N VAL B 23 -14.17 -15.96 -7.03
CA VAL B 23 -15.46 -15.88 -6.40
C VAL B 23 -16.03 -17.27 -6.32
N SER B 24 -15.87 -18.06 -7.37
CA SER B 24 -16.43 -19.41 -7.31
C SER B 24 -15.73 -20.21 -6.22
N PHE B 25 -14.45 -19.94 -6.03
CA PHE B 25 -13.75 -20.62 -4.94
C PHE B 25 -14.17 -20.14 -3.55
N PHE B 26 -14.30 -18.84 -3.36
CA PHE B 26 -14.87 -18.33 -2.14
C PHE B 26 -16.26 -18.92 -1.84
N GLU B 27 -17.06 -19.14 -2.88
CA GLU B 27 -18.41 -19.65 -2.68
C GLU B 27 -18.35 -21.08 -2.22
N ALA B 28 -17.51 -21.88 -2.89
CA ALA B 28 -17.26 -23.24 -2.41
C ALA B 28 -16.75 -23.22 -0.97
N ALA B 29 -15.86 -22.29 -0.65
CA ALA B 29 -15.27 -22.14 0.68
C ALA B 29 -16.35 -21.95 1.72
N VAL B 30 -17.24 -20.98 1.51
CA VAL B 30 -18.32 -20.72 2.46
C VAL B 30 -19.17 -21.97 2.58
N GLN B 31 -19.37 -22.62 1.44
CA GLN B 31 -20.23 -23.79 1.41
C GLN B 31 -19.68 -24.95 2.25
N VAL B 32 -18.36 -25.07 2.28
CA VAL B 32 -17.70 -26.07 3.11
C VAL B 32 -17.78 -25.70 4.60
N GLY B 33 -17.34 -24.50 4.95
CA GLY B 33 -17.48 -24.02 6.30
C GLY B 33 -16.21 -24.05 7.12
N THR B 34 -16.16 -23.23 8.17
CA THR B 34 -15.01 -23.19 9.04
C THR B 34 -15.50 -22.79 10.42
N GLU B 35 -14.77 -23.21 11.45
CA GLU B 35 -15.13 -22.86 12.81
C GLU B 35 -14.26 -21.69 13.22
N ASP B 36 -13.31 -21.37 12.35
CA ASP B 36 -12.43 -20.21 12.51
C ASP B 36 -13.10 -18.95 11.95
N LEU B 37 -13.95 -18.32 12.75
CA LEU B 37 -14.79 -17.23 12.28
C LEU B 37 -14.04 -15.96 11.88
N LYS B 38 -12.78 -15.84 12.29
CA LYS B 38 -11.97 -14.76 11.75
C LYS B 38 -11.79 -14.96 10.24
N THR B 39 -11.39 -16.17 9.83
CA THR B 39 -11.12 -16.41 8.41
C THR B 39 -12.43 -16.50 7.61
N LEU B 40 -13.51 -16.93 8.25
CA LEU B 40 -14.83 -16.87 7.62
C LEU B 40 -15.21 -15.43 7.34
N SER B 41 -14.94 -14.56 8.32
CA SER B 41 -15.06 -13.11 8.11
C SER B 41 -14.22 -12.64 6.90
N ALA B 42 -13.03 -13.21 6.74
CA ALA B 42 -12.21 -12.81 5.60
C ALA B 42 -12.85 -13.22 4.30
N ILE B 43 -13.42 -14.43 4.27
CA ILE B 43 -14.05 -14.95 3.05
C ILE B 43 -15.24 -14.08 2.68
N TYR B 44 -15.98 -13.67 3.70
CA TYR B 44 -17.12 -12.79 3.50
C TYR B 44 -16.69 -11.44 2.96
N SER B 45 -15.63 -10.87 3.53
CA SER B 45 -15.14 -9.58 3.08
C SER B 45 -14.68 -9.64 1.63
N GLN B 46 -13.83 -10.63 1.33
CA GLN B 46 -13.27 -10.77 0.00
C GLN B 46 -14.39 -10.97 -1.03
N LEU B 47 -15.37 -11.82 -0.69
CA LEU B 47 -16.54 -11.95 -1.56
C LEU B 47 -17.25 -10.61 -1.79
N GLY B 48 -17.48 -9.86 -0.71
CA GLY B 48 -18.04 -8.53 -0.82
C GLY B 48 -17.32 -7.66 -1.83
N ASN B 49 -16.00 -7.57 -1.67
CA ASN B 49 -15.20 -6.70 -2.52
C ASN B 49 -15.13 -7.21 -3.96
N ALA B 50 -15.13 -8.51 -4.12
CA ALA B 50 -15.08 -9.09 -5.43
C ALA B 50 -16.39 -8.80 -6.17
N TYR B 51 -17.51 -8.87 -5.47
CA TYR B 51 -18.75 -8.61 -6.14
C TYR B 51 -18.89 -7.12 -6.43
N PHE B 52 -18.37 -6.29 -5.55
CA PHE B 52 -18.28 -4.85 -5.85
C PHE B 52 -17.54 -4.60 -7.15
N TYR B 53 -16.32 -5.10 -7.24
CA TYR B 53 -15.52 -5.00 -8.46
C TYR B 53 -16.26 -5.46 -9.72
N LEU B 54 -17.14 -6.45 -9.57
CA LEU B 54 -17.88 -7.03 -10.68
C LEU B 54 -19.20 -6.33 -10.93
N HIS B 55 -19.42 -5.22 -10.24
CA HIS B 55 -20.65 -4.43 -10.42
C HIS B 55 -21.91 -5.26 -10.16
N ASP B 56 -21.85 -6.12 -9.16
CA ASP B 56 -23.01 -6.74 -8.54
C ASP B 56 -23.15 -6.19 -7.11
N TYR B 57 -23.54 -4.93 -6.97
CA TYR B 57 -23.52 -4.25 -5.68
C TYR B 57 -24.50 -4.80 -4.64
N ALA B 58 -25.48 -5.56 -5.10
CA ALA B 58 -26.41 -6.27 -4.23
C ALA B 58 -25.67 -7.31 -3.39
N LYS B 59 -25.06 -8.27 -4.07
CA LYS B 59 -24.29 -9.30 -3.39
C LYS B 59 -23.18 -8.68 -2.53
N ALA B 60 -22.48 -7.68 -3.09
CA ALA B 60 -21.49 -6.94 -2.35
C ALA B 60 -22.05 -6.53 -1.01
N LEU B 61 -23.17 -5.81 -1.03
CA LEU B 61 -23.81 -5.33 0.19
C LEU B 61 -24.10 -6.47 1.17
N GLU B 62 -24.75 -7.53 0.68
CA GLU B 62 -25.01 -8.70 1.51
C GLU B 62 -23.76 -9.26 2.20
N TYR B 63 -22.75 -9.61 1.43
CA TYR B 63 -21.56 -10.21 2.00
C TYR B 63 -20.85 -9.28 2.98
N HIS B 64 -20.78 -7.98 2.66
CA HIS B 64 -20.23 -7.06 3.64
C HIS B 64 -21.08 -7.02 4.90
N HIS B 65 -22.39 -7.20 4.77
CA HIS B 65 -23.24 -7.20 5.97
C HIS B 65 -22.99 -8.44 6.82
N HIS B 66 -22.86 -9.61 6.18
CA HIS B 66 -22.50 -10.83 6.92
C HIS B 66 -21.15 -10.64 7.63
N ASP B 67 -20.20 -10.04 6.93
CA ASP B 67 -18.89 -9.72 7.47
C ASP B 67 -19.07 -8.82 8.71
N LEU B 68 -19.85 -7.76 8.58
CA LEU B 68 -20.14 -6.88 9.72
C LEU B 68 -20.73 -7.62 10.89
N THR B 69 -21.76 -8.41 10.63
CA THR B 69 -22.46 -9.16 11.66
C THR B 69 -21.50 -10.05 12.40
N LEU B 70 -20.85 -10.92 11.63
CA LEU B 70 -19.79 -11.79 12.11
C LEU B 70 -18.78 -11.06 13.01
N ALA B 71 -18.18 -10.00 12.47
CA ALA B 71 -17.22 -9.21 13.21
C ALA B 71 -17.76 -8.83 14.55
N ARG B 72 -18.97 -8.28 14.55
CA ARG B 72 -19.62 -7.85 15.77
C ARG B 72 -19.81 -8.96 16.79
N THR B 73 -20.33 -10.12 16.38
CA THR B 73 -20.56 -11.18 17.37
C THR B 73 -19.23 -11.56 18.05
N ILE B 74 -18.22 -11.96 17.28
CA ILE B 74 -16.96 -12.34 17.88
C ILE B 74 -16.20 -11.14 18.46
N GLY B 75 -16.82 -9.97 18.47
CA GLY B 75 -16.23 -8.78 19.06
C GLY B 75 -14.91 -8.34 18.46
N ASP B 76 -14.82 -8.42 17.14
CA ASP B 76 -13.63 -8.01 16.39
C ASP B 76 -13.79 -6.55 15.91
N GLN B 77 -13.31 -5.61 16.72
CA GLN B 77 -13.48 -4.17 16.44
C GLN B 77 -12.98 -3.76 15.08
N LEU B 78 -11.78 -4.19 14.74
CA LEU B 78 -11.13 -3.81 13.49
C LEU B 78 -11.90 -4.35 12.31
N GLY B 79 -12.23 -5.64 12.39
CA GLY B 79 -13.11 -6.29 11.43
C GLY B 79 -14.38 -5.50 11.22
N GLU B 80 -15.04 -5.12 12.32
CA GLU B 80 -16.26 -4.32 12.26
C GLU B 80 -16.05 -3.01 11.55
N ALA B 81 -14.94 -2.33 11.80
CA ALA B 81 -14.69 -1.05 11.16
C ALA B 81 -14.48 -1.20 9.67
N LYS B 82 -13.72 -2.20 9.26
CA LYS B 82 -13.41 -2.31 7.84
C LYS B 82 -14.66 -2.81 7.08
N ALA B 83 -15.42 -3.71 7.70
CA ALA B 83 -16.68 -4.16 7.10
C ALA B 83 -17.63 -3.01 6.95
N SER B 84 -17.69 -2.17 7.98
CA SER B 84 -18.57 -1.03 7.98
C SER B 84 -18.18 -0.01 6.92
N GLY B 85 -16.89 0.17 6.70
CA GLY B 85 -16.43 1.05 5.63
C GLY B 85 -16.78 0.54 4.25
N ASN B 86 -16.64 -0.77 4.05
CA ASN B 86 -17.04 -1.33 2.77
C ASN B 86 -18.54 -1.18 2.54
N LEU B 87 -19.30 -1.35 3.62
CA LEU B 87 -20.74 -1.20 3.55
C LEU B 87 -21.05 0.21 3.15
N GLY B 88 -20.44 1.18 3.82
CA GLY B 88 -20.56 2.56 3.41
C GLY B 88 -20.31 2.86 1.94
N ASN B 89 -19.22 2.33 1.38
CA ASN B 89 -18.97 2.55 -0.04
C ASN B 89 -20.02 1.87 -0.96
N THR B 90 -20.40 0.65 -0.63
CA THR B 90 -21.44 -0.04 -1.38
C THR B 90 -22.74 0.76 -1.36
N LEU B 91 -23.09 1.27 -0.19
CA LEU B 91 -24.32 2.05 -0.03
C LEU B 91 -24.26 3.35 -0.82
N LYS B 92 -23.12 4.03 -0.78
CA LYS B 92 -22.91 5.20 -1.63
C LYS B 92 -23.23 4.90 -3.08
N VAL B 93 -22.67 3.82 -3.61
CA VAL B 93 -23.04 3.44 -4.98
C VAL B 93 -24.54 3.20 -5.12
N LEU B 94 -25.16 2.54 -4.15
CA LEU B 94 -26.60 2.28 -4.24
C LEU B 94 -27.48 3.50 -3.95
N GLY B 95 -26.88 4.62 -3.58
CA GLY B 95 -27.62 5.84 -3.36
C GLY B 95 -28.31 5.98 -2.02
N ASN B 96 -28.05 5.04 -1.10
CA ASN B 96 -28.52 5.13 0.27
C ASN B 96 -27.53 5.92 1.12
N PHE B 97 -27.45 7.23 0.89
CA PHE B 97 -26.41 8.06 1.51
C PHE B 97 -26.48 8.14 3.02
N ASP B 98 -27.66 7.99 3.59
CA ASP B 98 -27.78 8.09 5.03
C ASP B 98 -27.10 6.93 5.76
N GLU B 99 -27.37 5.72 5.31
CA GLU B 99 -26.74 4.54 5.89
C GLU B 99 -25.28 4.52 5.54
N ALA B 100 -24.94 5.07 4.37
CA ALA B 100 -23.57 5.11 3.94
C ALA B 100 -22.77 6.00 4.89
N ILE B 101 -23.36 7.14 5.26
CA ILE B 101 -22.76 8.01 6.26
C ILE B 101 -22.61 7.27 7.58
N VAL B 102 -23.72 6.75 8.12
CA VAL B 102 -23.67 6.00 9.39
C VAL B 102 -22.51 4.99 9.40
N CYS B 103 -22.36 4.28 8.29
CA CYS B 103 -21.36 3.23 8.17
C CYS B 103 -19.92 3.76 8.08
N CYS B 104 -19.67 4.71 7.17
CA CYS B 104 -18.33 5.30 7.04
C CYS B 104 -17.91 6.07 8.30
N GLN B 105 -18.90 6.66 8.94
CA GLN B 105 -18.66 7.32 10.22
C GLN B 105 -18.18 6.27 11.21
N ARG B 106 -18.91 5.16 11.29
CA ARG B 106 -18.52 4.11 12.24
C ARG B 106 -17.08 3.67 12.00
N HIS B 107 -16.78 3.40 10.73
CA HIS B 107 -15.42 3.13 10.26
C HIS B 107 -14.43 4.12 10.88
N LEU B 108 -14.74 5.41 10.79
CA LEU B 108 -13.86 6.46 11.32
C LEU B 108 -13.74 6.41 12.84
N ASP B 109 -14.86 6.57 13.54
CA ASP B 109 -14.93 6.47 15.00
C ASP B 109 -14.09 5.31 15.55
N ILE B 110 -14.41 4.09 15.12
CA ILE B 110 -13.63 2.92 15.50
C ILE B 110 -12.14 3.08 15.21
N SER B 111 -11.81 3.49 13.99
CA SER B 111 -10.41 3.60 13.59
C SER B 111 -9.65 4.62 14.46
N ARG B 112 -10.36 5.65 14.91
CA ARG B 112 -9.81 6.61 15.85
C ARG B 112 -9.58 5.91 17.18
N GLU B 113 -10.65 5.35 17.72
CA GLU B 113 -10.64 4.64 18.99
C GLU B 113 -9.53 3.57 19.08
N LEU B 114 -9.23 2.90 17.96
CA LEU B 114 -8.14 1.94 17.91
C LEU B 114 -6.80 2.59 17.63
N ASN B 115 -6.79 3.92 17.65
CA ASN B 115 -5.62 4.72 17.34
C ASN B 115 -4.88 4.19 16.10
N ASP B 116 -5.69 3.87 15.10
CA ASP B 116 -5.25 3.58 13.74
C ASP B 116 -5.20 4.92 13.00
N LYS B 117 -4.07 5.24 12.38
CA LYS B 117 -3.93 6.51 11.67
C LYS B 117 -4.34 6.34 10.21
N VAL B 118 -3.74 5.36 9.55
CA VAL B 118 -4.06 5.05 8.16
C VAL B 118 -5.56 4.82 7.94
N GLY B 119 -6.16 4.04 8.84
CA GLY B 119 -7.57 3.71 8.76
C GLY B 119 -8.39 4.96 8.91
N GLU B 120 -8.07 5.75 9.94
CA GLU B 120 -8.75 7.03 10.16
C GLU B 120 -8.78 7.88 8.91
N ALA B 121 -7.63 8.00 8.29
CA ALA B 121 -7.51 8.66 6.99
C ALA B 121 -8.53 8.09 5.98
N ARG B 122 -8.43 6.79 5.70
CA ARG B 122 -9.32 6.14 4.74
C ARG B 122 -10.81 6.48 4.99
N ALA B 123 -11.25 6.32 6.24
CA ALA B 123 -12.62 6.64 6.56
C ALA B 123 -12.96 8.12 6.32
N LEU B 124 -11.97 8.99 6.51
CA LEU B 124 -12.19 10.42 6.26
C LEU B 124 -12.43 10.68 4.77
N TYR B 125 -11.61 10.04 3.96
CA TYR B 125 -11.74 10.09 2.52
C TYR B 125 -13.13 9.65 2.11
N ASN B 126 -13.47 8.41 2.46
CA ASN B 126 -14.80 7.89 2.20
C ASN B 126 -15.91 8.86 2.59
N LEU B 127 -15.84 9.41 3.79
CA LEU B 127 -16.85 10.39 4.18
C LEU B 127 -16.91 11.58 3.21
N GLY B 128 -15.75 12.02 2.74
CA GLY B 128 -15.70 13.06 1.73
C GLY B 128 -16.38 12.65 0.44
N ASN B 129 -16.15 11.41 0.02
CA ASN B 129 -16.83 10.84 -1.15
C ASN B 129 -18.34 10.79 -0.98
N VAL B 130 -18.81 10.25 0.14
CA VAL B 130 -20.23 10.16 0.41
C VAL B 130 -20.84 11.54 0.33
N TYR B 131 -20.18 12.55 0.90
CA TYR B 131 -20.77 13.88 0.85
C TYR B 131 -20.69 14.48 -0.54
N HIS B 132 -19.73 14.02 -1.33
CA HIS B 132 -19.57 14.44 -2.73
C HIS B 132 -20.69 13.87 -3.61
N ALA B 133 -20.90 12.56 -3.52
CA ALA B 133 -22.01 11.91 -4.16
C ALA B 133 -23.34 12.55 -3.74
N LYS B 134 -23.54 12.67 -2.44
CA LYS B 134 -24.74 13.29 -1.91
C LYS B 134 -24.95 14.67 -2.53
N GLY B 135 -23.89 15.46 -2.59
CA GLY B 135 -23.98 16.81 -3.08
C GLY B 135 -24.38 16.81 -4.54
N LYS B 136 -23.80 15.89 -5.30
CA LYS B 136 -24.12 15.80 -6.72
C LYS B 136 -25.52 15.29 -6.98
N SER B 137 -26.12 14.58 -6.02
CA SER B 137 -27.36 13.85 -6.28
C SER B 137 -28.62 14.75 -6.27
N PHE B 138 -28.42 16.06 -6.20
CA PHE B 138 -29.53 17.00 -6.30
C PHE B 138 -29.40 17.77 -7.60
N GLY B 139 -30.43 17.70 -8.45
CA GLY B 139 -30.44 18.44 -9.71
C GLY B 139 -29.23 18.22 -10.61
N CYS B 140 -28.82 19.28 -11.31
CA CYS B 140 -27.73 19.21 -12.28
C CYS B 140 -26.35 19.28 -11.62
N PRO B 141 -25.59 18.16 -11.69
CA PRO B 141 -24.25 17.98 -11.08
C PRO B 141 -23.15 18.86 -11.70
N GLY B 142 -23.34 20.17 -11.69
CA GLY B 142 -22.37 21.10 -12.25
C GLY B 142 -21.87 22.16 -11.28
N PRO B 143 -21.03 23.08 -11.77
CA PRO B 143 -20.41 24.20 -11.03
C PRO B 143 -21.22 25.49 -11.09
N GLN B 144 -22.09 25.73 -10.10
CA GLN B 144 -22.94 26.92 -10.12
C GLN B 144 -23.16 27.50 -8.71
N PHE B 149 -27.38 26.06 -6.67
CA PHE B 149 -26.70 25.80 -5.40
C PHE B 149 -27.64 25.99 -4.19
N PRO B 150 -28.73 25.19 -4.12
CA PRO B 150 -29.62 25.30 -2.95
C PRO B 150 -28.86 25.03 -1.66
N GLU B 151 -29.50 25.31 -0.53
CA GLU B 151 -28.81 25.20 0.75
C GLU B 151 -28.30 23.78 1.00
N GLU B 152 -28.98 22.79 0.42
CA GLU B 152 -28.62 21.38 0.61
C GLU B 152 -27.31 21.01 -0.09
N VAL B 153 -27.22 21.34 -1.38
CA VAL B 153 -26.02 21.10 -2.16
C VAL B 153 -24.84 21.83 -1.52
N ARG B 154 -25.15 23.02 -1.00
CA ARG B 154 -24.18 23.86 -0.32
C ARG B 154 -23.62 23.12 0.89
N ASP B 155 -24.54 22.67 1.75
CA ASP B 155 -24.18 22.02 3.01
C ASP B 155 -23.37 20.77 2.76
N ALA B 156 -23.83 19.95 1.82
CA ALA B 156 -23.22 18.66 1.57
C ALA B 156 -21.85 18.80 0.90
N LEU B 157 -21.70 19.78 0.02
CA LEU B 157 -20.40 19.93 -0.65
C LEU B 157 -19.40 20.62 0.27
N GLN B 158 -19.89 21.51 1.13
CA GLN B 158 -19.04 22.16 2.12
C GLN B 158 -18.54 21.12 3.13
N ALA B 159 -19.47 20.32 3.64
CA ALA B 159 -19.13 19.16 4.47
C ALA B 159 -18.08 18.28 3.77
N ALA B 160 -18.31 18.00 2.50
CA ALA B 160 -17.35 17.25 1.71
C ALA B 160 -15.98 17.88 1.79
N VAL B 161 -15.95 19.21 1.66
CA VAL B 161 -14.70 19.98 1.67
C VAL B 161 -13.94 19.80 2.98
N ASP B 162 -14.62 20.09 4.08
CA ASP B 162 -14.08 19.85 5.42
C ASP B 162 -13.47 18.46 5.53
N PHE B 163 -14.26 17.42 5.27
CA PHE B 163 -13.71 16.06 5.35
C PHE B 163 -12.45 15.87 4.49
N TYR B 164 -12.44 16.49 3.33
CA TYR B 164 -11.30 16.37 2.45
C TYR B 164 -10.07 17.05 3.07
N GLU B 165 -10.32 18.06 3.90
CA GLU B 165 -9.26 18.79 4.59
C GLU B 165 -8.73 18.09 5.86
N GLU B 166 -9.62 17.45 6.63
CA GLU B 166 -9.17 16.61 7.74
C GLU B 166 -8.31 15.49 7.18
N ASN B 167 -8.84 14.81 6.17
CA ASN B 167 -8.07 13.77 5.51
C ASN B 167 -6.76 14.30 5.04
N LEU B 168 -6.78 15.46 4.38
CA LEU B 168 -5.58 15.98 3.74
C LEU B 168 -4.49 16.30 4.74
N SER B 169 -4.86 17.02 5.80
CA SER B 169 -3.92 17.36 6.87
C SER B 169 -3.31 16.09 7.48
N LEU B 170 -4.15 15.08 7.66
CA LEU B 170 -3.70 13.87 8.36
C LEU B 170 -2.87 12.93 7.48
N VAL B 171 -2.99 13.02 6.16
CA VAL B 171 -2.16 12.17 5.34
C VAL B 171 -1.00 13.01 4.88
N THR B 172 -1.03 14.27 5.31
CA THR B 172 0.09 15.19 5.18
C THR B 172 1.11 14.88 6.29
N ALA B 173 0.62 14.61 7.49
CA ALA B 173 1.48 14.28 8.62
C ALA B 173 1.83 12.79 8.67
N LEU B 174 1.47 12.03 7.63
CA LEU B 174 1.78 10.60 7.54
C LEU B 174 2.64 10.32 6.33
N GLY B 175 2.93 11.38 5.58
CA GLY B 175 3.77 11.27 4.41
C GLY B 175 3.25 10.25 3.39
N ASP B 176 1.93 10.14 3.27
CA ASP B 176 1.40 9.47 2.12
C ASP B 176 1.24 10.51 1.02
N ARG B 177 1.69 10.20 -0.18
CA ARG B 177 1.53 11.12 -1.30
C ARG B 177 0.39 10.70 -2.21
N ALA B 178 0.33 9.42 -2.60
CA ALA B 178 -0.75 8.93 -3.46
C ALA B 178 -2.11 9.35 -2.89
N ALA B 179 -2.24 9.14 -1.58
CA ALA B 179 -3.40 9.55 -0.80
C ALA B 179 -3.67 11.05 -0.90
N GLN B 180 -2.65 11.84 -0.54
CA GLN B 180 -2.74 13.30 -0.60
C GLN B 180 -3.23 13.79 -1.95
N GLY B 181 -2.76 13.15 -3.03
CA GLY B 181 -3.09 13.54 -4.39
C GLY B 181 -4.51 13.17 -4.77
N ARG B 182 -4.95 12.01 -4.30
CA ARG B 182 -6.36 11.62 -4.47
C ARG B 182 -7.29 12.62 -3.80
N ALA B 183 -6.97 12.96 -2.55
CA ALA B 183 -7.70 13.99 -1.80
C ALA B 183 -7.65 15.37 -2.48
N PHE B 184 -6.51 15.73 -3.04
CA PHE B 184 -6.37 16.97 -3.80
C PHE B 184 -7.27 17.00 -5.04
N GLY B 185 -7.29 15.89 -5.78
CA GLY B 185 -8.19 15.77 -6.90
C GLY B 185 -9.61 16.09 -6.46
N ASN B 186 -10.15 15.17 -5.65
CA ASN B 186 -11.53 15.28 -5.23
C ASN B 186 -11.86 16.59 -4.50
N LEU B 187 -10.87 17.22 -3.89
CA LEU B 187 -11.10 18.51 -3.24
C LEU B 187 -11.12 19.63 -4.28
N GLY B 188 -10.39 19.42 -5.35
CA GLY B 188 -10.38 20.38 -6.43
C GLY B 188 -11.75 20.35 -7.03
N ASN B 189 -12.24 19.15 -7.28
CA ASN B 189 -13.58 18.97 -7.82
C ASN B 189 -14.65 19.56 -6.94
N THR B 190 -14.55 19.34 -5.65
CA THR B 190 -15.55 19.84 -4.72
C THR B 190 -15.54 21.39 -4.62
N HIS B 191 -14.35 21.97 -4.75
CA HIS B 191 -14.25 23.42 -4.87
C HIS B 191 -14.92 23.87 -6.17
N TYR B 192 -14.53 23.20 -7.25
CA TYR B 192 -15.05 23.43 -8.59
C TYR B 192 -16.56 23.53 -8.57
N LEU B 193 -17.22 22.48 -8.13
CA LEU B 193 -18.67 22.50 -7.98
C LEU B 193 -19.12 23.60 -7.02
N LEU B 194 -18.30 23.92 -6.00
CA LEU B 194 -18.75 24.90 -5.00
C LEU B 194 -18.72 26.36 -5.48
N GLY B 195 -17.83 26.69 -6.40
CA GLY B 195 -17.76 28.04 -6.93
C GLY B 195 -16.49 28.75 -6.52
N ASN B 196 -15.76 28.11 -5.61
CA ASN B 196 -14.44 28.56 -5.19
C ASN B 196 -13.43 27.98 -6.16
N PHE B 197 -13.21 28.72 -7.26
CA PHE B 197 -12.47 28.23 -8.42
C PHE B 197 -10.95 28.28 -8.31
N ARG B 198 -10.43 29.37 -7.76
CA ARG B 198 -8.99 29.51 -7.57
C ARG B 198 -8.43 28.42 -6.67
N ASP B 199 -9.16 28.10 -5.60
CA ASP B 199 -8.77 27.02 -4.69
C ASP B 199 -8.69 25.70 -5.45
N ALA B 200 -9.70 25.47 -6.30
CA ALA B 200 -9.75 24.31 -7.17
C ALA B 200 -8.52 24.25 -8.07
N VAL B 201 -8.09 25.41 -8.55
CA VAL B 201 -6.93 25.55 -9.42
C VAL B 201 -5.69 25.09 -8.70
N ILE B 202 -5.52 25.62 -7.49
CA ILE B 202 -4.47 25.23 -6.55
C ILE B 202 -4.35 23.72 -6.37
N ALA B 203 -5.42 23.14 -5.82
CA ALA B 203 -5.46 21.73 -5.47
C ALA B 203 -5.33 20.80 -6.68
N HIS B 204 -5.96 21.20 -7.79
CA HIS B 204 -5.82 20.42 -9.01
C HIS B 204 -4.37 20.41 -9.43
N GLU B 205 -3.73 21.57 -9.31
CA GLU B 205 -2.30 21.72 -9.60
C GLU B 205 -1.51 20.70 -8.80
N GLN B 206 -1.79 20.62 -7.50
CA GLN B 206 -1.14 19.63 -6.64
C GLN B 206 -1.34 18.17 -7.11
N ARG B 207 -2.60 17.77 -7.32
CA ARG B 207 -2.89 16.40 -7.78
C ARG B 207 -2.08 16.09 -9.05
N LEU B 208 -1.96 17.10 -9.91
CA LEU B 208 -1.14 16.99 -11.11
C LEU B 208 0.30 16.67 -10.72
N LEU B 209 0.81 17.45 -9.77
CA LEU B 209 2.17 17.29 -9.25
C LEU B 209 2.48 15.84 -8.81
N ILE B 210 1.57 15.23 -8.05
CA ILE B 210 1.76 13.86 -7.58
C ILE B 210 1.56 12.76 -8.66
N ALA B 211 0.53 12.92 -9.50
CA ALA B 211 0.38 12.01 -10.62
C ALA B 211 1.64 12.05 -11.50
N LYS B 212 2.35 13.18 -11.42
CA LYS B 212 3.62 13.36 -12.14
C LYS B 212 4.79 12.65 -11.44
N GLU B 213 4.91 12.84 -10.13
CA GLU B 213 5.96 12.17 -9.36
C GLU B 213 5.71 10.66 -9.16
N PHE B 214 4.64 10.14 -9.77
CA PHE B 214 4.46 8.69 -9.86
C PHE B 214 4.53 8.18 -11.32
N GLY B 215 4.26 9.07 -12.28
CA GLY B 215 4.07 8.68 -13.67
C GLY B 215 2.77 7.91 -13.86
N ASP B 216 1.64 8.53 -13.51
CA ASP B 216 0.38 7.80 -13.46
C ASP B 216 -0.33 7.72 -14.82
N LYS B 217 -0.37 6.51 -15.38
CA LYS B 217 -1.06 6.23 -16.63
C LYS B 217 -2.58 6.20 -16.44
N ALA B 218 -3.30 6.78 -17.41
CA ALA B 218 -4.77 6.89 -17.40
C ALA B 218 -5.30 7.65 -16.19
N ALA B 219 -4.44 8.44 -15.55
CA ALA B 219 -4.85 9.21 -14.39
C ALA B 219 -4.08 10.52 -14.32
N GLU B 220 -3.33 10.81 -15.38
CA GLU B 220 -2.84 12.17 -15.60
C GLU B 220 -3.92 12.88 -16.40
N ARG B 221 -4.41 12.15 -17.41
CA ARG B 221 -5.51 12.55 -18.29
C ARG B 221 -6.60 13.34 -17.57
N ARG B 222 -6.91 12.88 -16.37
CA ARG B 222 -8.00 13.40 -15.58
C ARG B 222 -7.65 14.70 -14.84
N ALA B 223 -6.42 14.82 -14.34
CA ALA B 223 -5.96 16.09 -13.77
C ALA B 223 -5.84 17.17 -14.86
N TYR B 224 -5.45 16.76 -16.06
CA TYR B 224 -5.50 17.63 -17.23
C TYR B 224 -6.92 18.16 -17.43
N SER B 225 -7.83 17.21 -17.64
CA SER B 225 -9.24 17.53 -17.83
C SER B 225 -9.77 18.51 -16.79
N ASN B 226 -9.58 18.23 -15.50
CA ASN B 226 -10.14 19.09 -14.44
C ASN B 226 -9.47 20.47 -14.38
N LEU B 227 -8.19 20.52 -14.67
CA LEU B 227 -7.54 21.84 -14.78
C LEU B 227 -8.20 22.64 -15.89
N GLY B 228 -8.29 22.03 -17.07
CA GLY B 228 -8.99 22.61 -18.20
C GLY B 228 -10.35 23.17 -17.82
N ASN B 229 -11.14 22.37 -17.11
CA ASN B 229 -12.48 22.80 -16.71
C ASN B 229 -12.41 24.06 -15.84
N ALA B 230 -11.50 24.08 -14.87
CA ALA B 230 -11.42 25.27 -14.00
C ALA B 230 -11.04 26.50 -14.79
N TYR B 231 -10.06 26.34 -15.68
CA TYR B 231 -9.60 27.47 -16.49
C TYR B 231 -10.73 28.01 -17.37
N ILE B 232 -11.45 27.10 -18.03
CA ILE B 232 -12.62 27.46 -18.82
C ILE B 232 -13.59 28.24 -17.95
N PHE B 233 -13.69 27.88 -16.67
CA PHE B 233 -14.63 28.62 -15.83
C PHE B 233 -14.05 29.93 -15.27
N LEU B 234 -12.77 30.17 -15.54
CA LEU B 234 -12.15 31.46 -15.21
C LEU B 234 -12.04 32.38 -16.43
N GLY B 235 -11.57 31.83 -17.55
CA GLY B 235 -11.47 32.58 -18.79
C GLY B 235 -10.35 32.08 -19.69
N GLU B 236 -9.45 31.29 -19.11
CA GLU B 236 -8.30 30.81 -19.88
C GLU B 236 -8.71 29.71 -20.86
N PHE B 237 -9.47 30.12 -21.88
CA PHE B 237 -9.96 29.20 -22.90
C PHE B 237 -8.81 28.50 -23.63
N GLU B 238 -7.88 29.29 -24.17
CA GLU B 238 -6.72 28.79 -24.92
C GLU B 238 -5.96 27.65 -24.20
N THR B 239 -5.46 27.95 -23.02
CA THR B 239 -4.65 27.00 -22.25
C THR B 239 -5.42 25.72 -21.95
N ALA B 240 -6.70 25.92 -21.65
CA ALA B 240 -7.61 24.82 -21.41
C ALA B 240 -7.66 23.90 -22.63
N SER B 241 -7.79 24.53 -23.80
CA SER B 241 -7.79 23.79 -25.07
C SER B 241 -6.52 22.95 -25.20
N GLU B 242 -5.37 23.55 -24.88
CA GLU B 242 -4.11 22.78 -24.88
C GLU B 242 -4.22 21.52 -24.02
N TYR B 243 -4.64 21.72 -22.77
CA TYR B 243 -4.88 20.62 -21.82
C TYR B 243 -5.73 19.49 -22.39
N TYR B 244 -6.88 19.87 -22.96
CA TYR B 244 -7.84 18.90 -23.49
C TYR B 244 -7.23 18.15 -24.68
N LYS B 245 -6.46 18.87 -25.49
CA LYS B 245 -5.74 18.24 -26.59
C LYS B 245 -4.86 17.13 -26.02
N LYS B 246 -4.03 17.48 -25.03
CA LYS B 246 -3.21 16.49 -24.33
C LYS B 246 -4.02 15.25 -24.00
N THR B 247 -5.09 15.50 -23.24
CA THR B 247 -6.01 14.46 -22.80
C THR B 247 -6.48 13.56 -23.96
N LEU B 248 -6.76 14.15 -25.12
CA LEU B 248 -7.26 13.42 -26.29
C LEU B 248 -6.15 12.55 -26.94
N LEU B 249 -4.94 13.10 -27.00
CA LEU B 249 -3.77 12.33 -27.40
C LEU B 249 -3.74 11.06 -26.55
N LEU B 250 -3.59 11.29 -25.24
CA LEU B 250 -3.51 10.19 -24.27
C LEU B 250 -4.62 9.18 -24.52
N ALA B 251 -5.86 9.64 -24.44
CA ALA B 251 -7.02 8.77 -24.60
C ALA B 251 -6.99 7.96 -25.90
N ARG B 252 -6.49 8.54 -26.99
CA ARG B 252 -6.52 7.80 -28.25
C ARG B 252 -5.39 6.80 -28.29
N GLN B 253 -4.33 7.03 -27.51
CA GLN B 253 -3.32 6.00 -27.32
C GLN B 253 -3.97 4.77 -26.68
N LEU B 254 -4.49 4.99 -25.47
CA LEU B 254 -5.00 3.95 -24.59
C LEU B 254 -6.23 3.21 -25.12
N LYS B 255 -6.75 3.65 -26.26
CA LYS B 255 -7.94 3.09 -26.91
C LYS B 255 -9.21 3.19 -26.04
N ASP B 256 -9.49 4.39 -25.55
CA ASP B 256 -10.75 4.65 -24.83
C ASP B 256 -11.63 5.60 -25.62
N ARG B 257 -12.58 5.03 -26.37
CA ARG B 257 -13.51 5.83 -27.18
C ARG B 257 -14.14 6.93 -26.35
N ALA B 258 -14.47 6.59 -25.10
CA ALA B 258 -15.08 7.51 -24.16
C ALA B 258 -14.32 8.83 -24.03
N VAL B 259 -13.17 8.80 -23.35
CA VAL B 259 -12.50 10.05 -23.04
C VAL B 259 -11.96 10.69 -24.33
N GLU B 260 -11.85 9.89 -25.39
CA GLU B 260 -11.59 10.43 -26.72
C GLU B 260 -12.70 11.43 -27.05
N ALA B 261 -13.92 10.90 -27.13
CA ALA B 261 -15.13 11.68 -27.34
C ALA B 261 -15.20 12.90 -26.41
N GLN B 262 -15.39 12.67 -25.12
CA GLN B 262 -15.49 13.78 -24.16
C GLN B 262 -14.39 14.85 -24.37
N SER B 263 -13.21 14.42 -24.78
CA SER B 263 -12.12 15.36 -25.05
C SER B 263 -12.43 16.18 -26.27
N CYS B 264 -12.98 15.53 -27.30
CA CYS B 264 -13.46 16.23 -28.49
C CYS B 264 -14.53 17.27 -28.15
N TYR B 265 -15.59 16.82 -27.47
CA TYR B 265 -16.68 17.70 -27.08
C TYR B 265 -16.18 18.91 -26.32
N SER B 266 -15.49 18.66 -25.21
CA SER B 266 -14.81 19.73 -24.45
C SER B 266 -13.99 20.68 -25.38
N LEU B 267 -13.30 20.11 -26.35
CA LEU B 267 -12.45 20.90 -27.25
C LEU B 267 -13.27 21.85 -28.11
N GLY B 268 -14.21 21.27 -28.84
CA GLY B 268 -15.14 22.00 -29.67
C GLY B 268 -15.77 23.10 -28.88
N ASN B 269 -16.17 22.81 -27.65
CA ASN B 269 -16.71 23.84 -26.78
C ASN B 269 -15.68 24.95 -26.58
N THR B 270 -14.42 24.60 -26.48
CA THR B 270 -13.42 25.63 -26.24
C THR B 270 -13.19 26.51 -27.47
N TYR B 271 -13.19 25.93 -28.67
CA TYR B 271 -12.99 26.73 -29.87
C TYR B 271 -14.24 27.55 -30.22
N THR B 272 -15.41 27.05 -29.81
CA THR B 272 -16.64 27.83 -29.94
C THR B 272 -16.52 29.02 -29.01
N LEU B 273 -15.87 28.83 -27.86
CA LEU B 273 -15.57 29.98 -27.00
C LEU B 273 -14.42 30.81 -27.57
N LEU B 274 -13.51 30.14 -28.28
CA LEU B 274 -12.38 30.82 -28.90
C LEU B 274 -12.74 31.45 -30.25
N GLN B 275 -14.02 31.36 -30.60
CA GLN B 275 -14.57 31.95 -31.82
C GLN B 275 -14.01 31.33 -33.11
N ASP B 276 -13.21 30.28 -32.97
CA ASP B 276 -12.75 29.50 -34.12
C ASP B 276 -13.77 28.41 -34.41
N TYR B 277 -14.80 28.76 -35.16
CA TYR B 277 -15.92 27.85 -35.36
C TYR B 277 -15.58 26.65 -36.25
N GLU B 278 -14.56 26.79 -37.09
CA GLU B 278 -14.19 25.69 -37.99
C GLU B 278 -13.66 24.47 -37.20
N LYS B 279 -12.60 24.68 -36.41
CA LYS B 279 -12.02 23.61 -35.61
C LYS B 279 -13.05 23.06 -34.63
N ALA B 280 -13.92 23.95 -34.17
CA ALA B 280 -15.05 23.58 -33.31
C ALA B 280 -15.93 22.55 -34.01
N ILE B 281 -16.37 22.86 -35.23
CA ILE B 281 -17.21 21.96 -36.00
C ILE B 281 -16.51 20.62 -36.26
N ASP B 282 -15.21 20.66 -36.55
CA ASP B 282 -14.43 19.42 -36.72
C ASP B 282 -14.50 18.53 -35.49
N TYR B 283 -14.05 19.08 -34.36
CA TYR B 283 -14.02 18.33 -33.10
C TYR B 283 -15.37 17.74 -32.74
N HIS B 284 -16.42 18.57 -32.83
CA HIS B 284 -17.76 18.09 -32.53
C HIS B 284 -18.25 17.03 -33.52
N LEU B 285 -17.70 17.07 -34.74
CA LEU B 285 -18.03 16.04 -35.72
C LEU B 285 -17.40 14.70 -35.34
N LYS B 286 -16.16 14.75 -34.86
CA LYS B 286 -15.48 13.53 -34.42
C LYS B 286 -16.23 12.94 -33.23
N HIS B 287 -16.59 13.81 -32.29
CA HIS B 287 -17.42 13.40 -31.16
C HIS B 287 -18.75 12.80 -31.64
N LEU B 288 -19.30 13.32 -32.74
CA LEU B 288 -20.57 12.78 -33.25
C LEU B 288 -20.36 11.34 -33.73
N ALA B 289 -19.26 11.12 -34.47
CA ALA B 289 -18.91 9.79 -34.98
C ALA B 289 -18.60 8.72 -33.92
N ILE B 290 -17.82 9.07 -32.90
CA ILE B 290 -17.66 8.22 -31.72
C ILE B 290 -18.98 7.96 -30.97
N ALA B 291 -19.72 9.03 -30.68
CA ALA B 291 -20.95 8.94 -29.90
C ALA B 291 -22.02 8.05 -30.55
N GLN B 292 -22.22 8.15 -31.86
CA GLN B 292 -23.26 7.33 -32.48
C GLN B 292 -22.71 5.94 -32.80
N GLU B 293 -21.39 5.81 -32.73
CA GLU B 293 -20.77 4.50 -32.88
C GLU B 293 -21.08 3.60 -31.68
N LEU B 294 -21.34 4.20 -30.52
CA LEU B 294 -21.43 3.43 -29.27
C LEU B 294 -22.84 3.34 -28.72
N ASN B 295 -23.85 3.63 -29.55
CA ASN B 295 -25.23 3.73 -29.09
C ASN B 295 -25.40 4.71 -27.92
N ASP B 296 -24.76 5.87 -28.04
CA ASP B 296 -24.83 6.95 -27.06
C ASP B 296 -25.74 8.05 -27.58
N ARG B 297 -27.05 7.84 -27.46
CA ARG B 297 -28.02 8.73 -28.08
C ARG B 297 -27.99 10.13 -27.47
N ILE B 298 -27.81 10.23 -26.16
CA ILE B 298 -27.79 11.54 -25.51
C ILE B 298 -26.55 12.33 -25.93
N GLY B 299 -25.42 11.63 -26.04
CA GLY B 299 -24.20 12.22 -26.60
C GLY B 299 -24.41 12.70 -28.03
N GLU B 300 -25.12 11.90 -28.82
CA GLU B 300 -25.40 12.24 -30.21
C GLU B 300 -26.25 13.51 -30.29
N GLY B 301 -27.23 13.60 -29.41
CA GLY B 301 -28.08 14.78 -29.32
C GLY B 301 -27.30 16.03 -28.95
N ARG B 302 -26.44 15.94 -27.94
CA ARG B 302 -25.62 17.09 -27.55
C ARG B 302 -24.66 17.54 -28.64
N ALA B 303 -24.12 16.57 -29.37
CA ALA B 303 -23.30 16.90 -30.52
C ALA B 303 -24.15 17.65 -31.57
N CYS B 304 -25.30 17.06 -31.94
CA CYS B 304 -26.24 17.70 -32.86
C CYS B 304 -26.48 19.17 -32.52
N TRP B 305 -26.77 19.43 -31.25
CA TRP B 305 -27.00 20.79 -30.76
C TRP B 305 -25.75 21.70 -30.92
N SER B 306 -24.61 21.27 -30.37
CA SER B 306 -23.40 22.11 -30.40
C SER B 306 -22.98 22.46 -31.82
N LEU B 307 -23.21 21.50 -32.73
CA LEU B 307 -22.85 21.66 -34.12
C LEU B 307 -23.83 22.56 -34.83
N GLY B 308 -25.10 22.45 -34.48
CA GLY B 308 -26.10 23.36 -35.01
C GLY B 308 -25.72 24.80 -34.68
N ASN B 309 -25.29 25.01 -33.43
CA ASN B 309 -24.91 26.34 -33.00
C ASN B 309 -23.67 26.85 -33.73
N ALA B 310 -22.68 25.97 -33.87
CA ALA B 310 -21.44 26.36 -34.54
C ALA B 310 -21.67 26.68 -36.02
N TYR B 311 -22.39 25.80 -36.71
CA TYR B 311 -22.76 26.04 -38.10
C TYR B 311 -23.52 27.33 -38.29
N THR B 312 -24.50 27.59 -37.42
CA THR B 312 -25.26 28.84 -37.46
C THR B 312 -24.33 30.04 -37.32
N ALA B 313 -23.37 29.94 -36.41
CA ALA B 313 -22.43 31.03 -36.21
C ALA B 313 -21.52 31.18 -37.43
N LEU B 314 -21.42 30.11 -38.22
CA LEU B 314 -20.51 30.08 -39.35
C LEU B 314 -21.12 30.59 -40.64
N GLY B 315 -22.45 30.62 -40.71
CA GLY B 315 -23.13 31.13 -41.90
C GLY B 315 -23.87 30.05 -42.65
N ASN B 316 -23.59 28.79 -42.33
CA ASN B 316 -24.16 27.65 -43.04
C ASN B 316 -25.57 27.27 -42.58
N HIS B 317 -26.56 27.65 -43.37
CA HIS B 317 -27.98 27.46 -43.04
C HIS B 317 -28.44 25.99 -43.02
N ASP B 318 -28.17 25.27 -44.10
CA ASP B 318 -28.70 23.92 -44.29
C ASP B 318 -28.31 22.99 -43.15
N GLN B 319 -27.01 22.90 -42.91
CA GLN B 319 -26.48 22.05 -41.86
C GLN B 319 -27.03 22.38 -40.49
N ALA B 320 -27.23 23.68 -40.25
CA ALA B 320 -27.83 24.14 -39.01
C ALA B 320 -29.24 23.60 -38.88
N MET B 321 -30.02 23.71 -39.94
CA MET B 321 -31.39 23.20 -39.92
C MET B 321 -31.44 21.71 -39.66
N HIS B 322 -30.68 20.96 -40.45
CA HIS B 322 -30.61 19.51 -40.33
C HIS B 322 -30.25 19.08 -38.92
N PHE B 323 -29.21 19.68 -38.38
CA PHE B 323 -28.73 19.24 -37.08
C PHE B 323 -29.67 19.63 -35.96
N ALA B 324 -30.23 20.83 -36.04
CA ALA B 324 -31.27 21.23 -35.11
C ALA B 324 -32.42 20.23 -35.10
N GLU B 325 -32.86 19.81 -36.28
CA GLU B 325 -33.99 18.88 -36.42
C GLU B 325 -33.67 17.46 -35.89
N LYS B 326 -32.47 16.97 -36.21
CA LYS B 326 -32.03 15.66 -35.73
C LYS B 326 -32.03 15.69 -34.21
N HIS B 327 -31.43 16.76 -33.66
CA HIS B 327 -31.47 17.04 -32.22
C HIS B 327 -32.89 17.01 -31.67
N LEU B 328 -33.85 17.54 -32.42
CA LEU B 328 -35.24 17.46 -31.99
C LEU B 328 -35.67 16.01 -31.85
N GLU B 329 -35.47 15.21 -32.90
CA GLU B 329 -35.90 13.80 -32.86
C GLU B 329 -35.28 13.01 -31.71
N ILE B 330 -33.97 13.19 -31.53
CA ILE B 330 -33.24 12.56 -30.45
C ILE B 330 -33.79 12.99 -29.09
N SER B 331 -34.17 14.26 -28.96
CA SER B 331 -34.78 14.69 -27.72
C SER B 331 -36.13 14.01 -27.51
N ARG B 332 -36.93 13.93 -28.58
CA ARG B 332 -38.22 13.26 -28.54
C ARG B 332 -38.09 11.83 -28.03
N GLU B 333 -37.03 11.14 -28.42
CA GLU B 333 -36.80 9.81 -27.88
C GLU B 333 -36.61 9.83 -26.35
N VAL B 334 -35.63 10.58 -25.86
CA VAL B 334 -35.27 10.63 -24.45
C VAL B 334 -36.24 11.41 -23.55
N GLY B 335 -37.46 11.69 -24.03
CA GLY B 335 -38.41 12.36 -23.16
C GLY B 335 -39.68 12.90 -23.80
N ASP B 336 -40.42 13.68 -23.00
CA ASP B 336 -41.66 14.31 -23.45
C ASP B 336 -41.37 15.64 -24.13
N GLN B 337 -42.23 16.03 -25.07
CA GLN B 337 -42.05 17.29 -25.77
C GLN B 337 -43.34 18.11 -25.82
N ARG B 338 -44.25 17.83 -24.89
CA ARG B 338 -45.48 18.60 -24.78
C ARG B 338 -45.23 19.91 -24.02
N ASN B 339 -44.06 20.02 -23.40
CA ASN B 339 -43.63 21.24 -22.73
C ASN B 339 -42.42 21.84 -23.41
N ALA B 340 -41.94 21.13 -24.42
CA ALA B 340 -40.82 21.58 -25.23
C ALA B 340 -39.58 21.85 -24.39
N SER B 341 -39.19 20.88 -23.57
CA SER B 341 -38.04 21.03 -22.71
C SER B 341 -36.77 20.93 -23.55
N TYR B 342 -36.92 20.34 -24.72
CA TYR B 342 -35.82 20.15 -25.65
C TYR B 342 -35.26 21.46 -26.14
N LEU B 343 -36.14 22.46 -26.27
CA LEU B 343 -35.77 23.72 -26.91
C LEU B 343 -34.91 24.57 -26.00
N LYS B 344 -33.65 24.69 -26.34
CA LYS B 344 -32.75 25.60 -25.65
C LYS B 344 -32.11 26.48 -26.70
N THR B 345 -32.37 27.78 -26.61
CA THR B 345 -32.03 28.70 -27.67
C THR B 345 -30.84 29.56 -27.33
N GLN B 346 -30.48 29.58 -26.05
CA GLN B 346 -29.29 30.31 -25.64
C GLN B 346 -28.03 29.52 -25.93
N VAL B 347 -27.11 30.16 -26.65
CA VAL B 347 -25.92 29.50 -27.16
C VAL B 347 -24.78 29.61 -26.19
N LEU B 348 -23.77 28.78 -26.43
CA LEU B 348 -22.59 28.75 -25.60
C LEU B 348 -21.77 30.05 -25.73
N SER B 349 -21.46 30.66 -24.60
CA SER B 349 -20.67 31.89 -24.56
C SER B 349 -20.03 32.11 -23.18
N PRO B 350 -19.04 33.02 -23.11
CA PRO B 350 -18.44 33.46 -21.84
C PRO B 350 -19.45 33.86 -20.77
N ASP B 351 -20.67 34.20 -21.17
CA ASP B 351 -21.73 34.56 -20.25
C ASP B 351 -22.64 33.36 -19.97
N SER B 352 -22.36 32.23 -20.61
CA SER B 352 -23.20 31.04 -20.44
C SER B 352 -22.54 29.90 -19.66
N LEU B 353 -21.72 29.10 -20.36
CA LEU B 353 -21.00 28.05 -19.68
C LEU B 353 -21.97 26.95 -19.30
N PHE B 354 -23.01 27.32 -18.54
CA PHE B 354 -23.95 26.33 -18.06
C PHE B 354 -24.71 25.68 -19.22
N THR B 355 -24.56 26.25 -20.42
CA THR B 355 -25.24 25.77 -21.61
C THR B 355 -24.63 24.51 -22.24
N ALA B 356 -23.44 24.12 -21.77
CA ALA B 356 -22.74 22.95 -22.32
C ALA B 356 -22.14 22.07 -21.21
N LYS B 357 -21.91 20.79 -21.52
CA LYS B 357 -21.42 19.84 -20.52
C LYS B 357 -19.90 19.81 -20.48
N PHE B 358 -19.34 19.96 -19.30
CA PHE B 358 -17.91 19.84 -19.09
C PHE B 358 -17.65 18.76 -18.06
N VAL B 359 -17.20 17.60 -18.52
CA VAL B 359 -17.03 16.43 -17.66
C VAL B 359 -15.79 16.54 -16.78
N ALA B 360 -15.97 16.30 -15.49
CA ALA B 360 -14.88 16.30 -14.54
C ALA B 360 -14.71 14.89 -14.01
N TYR B 361 -13.48 14.53 -13.65
CA TYR B 361 -13.24 13.17 -13.17
C TYR B 361 -12.80 13.15 -11.72
N ASN B 362 -13.52 12.34 -10.95
CA ASN B 362 -13.23 12.20 -9.54
C ASN B 362 -12.32 11.02 -9.40
N GLU B 363 -11.76 10.80 -8.22
CA GLU B 363 -10.82 9.72 -8.04
C GLU B 363 -11.54 8.40 -7.86
N GLU B 364 -11.24 7.68 -6.80
CA GLU B 364 -11.79 6.34 -6.63
C GLU B 364 -12.06 6.02 -5.17
N GLU B 365 -12.64 4.85 -4.93
CA GLU B 365 -12.85 4.38 -3.57
C GLU B 365 -11.62 3.63 -3.07
N GLU B 366 -11.18 3.98 -1.87
CA GLU B 366 -10.13 3.23 -1.19
C GLU B 366 -10.77 2.14 -0.35
N GLU B 367 -10.83 0.93 -0.89
CA GLU B 367 -11.49 -0.18 -0.21
C GLU B 367 -10.70 -0.73 1.00
N GLU B 368 -11.38 -1.58 1.76
CA GLU B 368 -10.81 -2.19 2.96
C GLU B 368 -10.64 -3.70 2.78
N ASP B 369 -9.46 -4.21 3.17
CA ASP B 369 -9.05 -5.54 2.77
C ASP B 369 -8.70 -6.50 3.90
N CYS B 370 -9.27 -7.72 3.83
CA CYS B 370 -8.85 -8.85 4.64
C CYS B 370 -8.12 -9.87 3.78
N SER B 371 -7.07 -10.49 4.34
CA SER B 371 -6.25 -11.47 3.64
C SER B 371 -6.11 -12.72 4.49
N LEU B 372 -5.88 -13.86 3.85
CA LEU B 372 -5.54 -15.08 4.58
C LEU B 372 -4.05 -15.40 4.47
N ALA B 373 -3.49 -15.14 3.29
CA ALA B 373 -2.05 -15.23 3.06
C ALA B 373 -1.25 -14.44 4.10
#